data_4OLA
#
_entry.id   4OLA
#
_cell.length_a   63.157
_cell.length_b   107.669
_cell.length_c   68.522
_cell.angle_alpha   90.00
_cell.angle_beta   107.10
_cell.angle_gamma   90.00
#
_symmetry.space_group_name_H-M   'P 1 21 1'
#
loop_
_entity.id
_entity.type
_entity.pdbx_description
1 polymer 'Protein argonaute-2'
2 polymer "5'-R(P*AP*AP*AP*AP*AP*AP*AP*AP*AP*U)-3'"
3 non-polymer PHENOL
4 non-polymer 'ISOPROPYL ALCOHOL'
5 water water
#
loop_
_entity_poly.entity_id
_entity_poly.type
_entity_poly.pdbx_seq_one_letter_code
_entity_poly.pdbx_strand_id
1 'polypeptide(L)'
;MYSGAGPALAPPAPPPPIQGYAFKPPPRPDFGTSGRTIKLQANFFEMDIPKIDIYHYELDIKPEKCPRRVNREIVEHMVQ
HFKTQIFGDRKPVFDGRKNLYTAMPLPIGRDKVELEVTLPGEGKDRIFKVSIKWVSCVSLQALHDALSGRLPSVPFETIQ
ALDVVMRHLPSMRYTPVGRSFFTASEGCSNPLGGGREVWFGFHQSVRPSLWKMMLNIDVSATAFYKAQPVIEFVCEVLDF
KSIEEQQKPLTDSQRVKFTKEIKGLKVEITHCGQMKRKYRVCNVTRRPASHQTFPLQQESGQTVECTVAQYFKDRHKLVL
RYPHLPCLQVGQEQKHTYLPLEVCNIVAGQRCIKKLTDNQTSTMIRATARSAPDRQEEISKLMRSADFNTDPYVREFGIM
VKDEMTDVTGRVLQPPSILYGGRNKAIATPVQGVWDMRNKQFHTGIEIKVWAIACFAPQRQCTEVHLKSFTEQLRKISRD
AGMPIQGQPCFCKYAQGADSVEPMFRHLKNTYAGLQLVVVILPGKTPVYAEVKRVGDTVLGMATQCVQMKNVQRTTPQTL
SNLCLKINVKLGGVNNILLPQGRPPVFQQPVIFLGADVTHPPAGDGKKPSIAAVVGSMDAHPNRYCATVRVQQHRQEIIQ
DLAAMVRELLIQFYKSTRFKPTRIIFYRDGVSEGQFQQVLHHELLAIREACIKLEKDYQPGITFIVVQKRHHTRLFCTDK
NERVGKSGNIPAGTTVDTKITHPTEFDFYLCSHAGIQGTSRPSHYHVLWDDNRFSSDELQILTYQLCHTYVRCTRSVSIP
APAYYAHLVAFRARYHLVDKEHDSAEGSHTSGQSNGRDHQALAKAVQVHQDTLRTMYFA
;
A
2 'polyribonucleotide' AAAAAAAAAU B
#
# COMPACT_ATOMS: atom_id res chain seq x y z
N PHE A 23 -23.86 -4.84 -8.94
CA PHE A 23 -23.41 -5.30 -10.25
C PHE A 23 -22.76 -4.16 -11.02
N LYS A 24 -23.48 -3.04 -11.11
CA LYS A 24 -23.00 -1.88 -11.85
C LYS A 24 -23.03 -0.61 -10.99
N PRO A 25 -21.88 0.06 -10.86
CA PRO A 25 -21.75 1.32 -10.11
C PRO A 25 -22.77 2.37 -10.57
N PRO A 26 -23.30 3.15 -9.62
CA PRO A 26 -24.31 4.18 -9.92
C PRO A 26 -23.67 5.33 -10.68
N PRO A 27 -24.49 6.08 -11.44
CA PRO A 27 -23.96 7.28 -12.09
C PRO A 27 -23.70 8.38 -11.06
N ARG A 28 -22.85 9.33 -11.42
CA ARG A 28 -22.60 10.49 -10.56
C ARG A 28 -23.92 11.24 -10.40
N PRO A 29 -24.37 11.44 -9.14
CA PRO A 29 -25.67 12.05 -8.87
C PRO A 29 -25.69 13.52 -9.22
N ASP A 30 -24.59 14.23 -8.91
CA ASP A 30 -24.51 15.66 -9.13
C ASP A 30 -23.04 16.07 -9.01
N PHE A 31 -22.77 17.37 -8.92
CA PHE A 31 -21.37 17.80 -8.84
C PHE A 31 -20.94 18.39 -7.48
N GLY A 32 -21.85 18.99 -6.75
CA GLY A 32 -21.50 19.49 -5.43
C GLY A 32 -20.80 20.84 -5.47
N THR A 33 -21.11 21.68 -4.49
CA THR A 33 -20.83 23.11 -4.56
C THR A 33 -20.31 23.62 -3.23
N SER A 34 -20.17 22.73 -2.25
CA SER A 34 -19.69 23.12 -0.92
C SER A 34 -18.21 23.48 -0.93
N GLY A 35 -17.82 24.41 -0.07
CA GLY A 35 -16.44 24.81 0.06
C GLY A 35 -16.04 25.96 -0.86
N ARG A 36 -14.98 26.66 -0.50
CA ARG A 36 -14.50 27.78 -1.31
C ARG A 36 -13.61 27.27 -2.44
N THR A 37 -13.76 27.88 -3.62
CA THR A 37 -13.04 27.44 -4.81
C THR A 37 -11.54 27.73 -4.71
N ILE A 38 -10.75 26.86 -5.32
CA ILE A 38 -9.30 27.02 -5.36
C ILE A 38 -8.78 26.54 -6.72
N LYS A 39 -7.88 27.31 -7.31
CA LYS A 39 -7.31 26.94 -8.61
C LYS A 39 -6.23 25.88 -8.44
N LEU A 40 -6.35 24.80 -9.19
CA LEU A 40 -5.42 23.69 -9.08
C LEU A 40 -4.90 23.27 -10.43
N GLN A 41 -3.77 22.56 -10.42
CA GLN A 41 -3.26 21.91 -11.61
C GLN A 41 -2.99 20.44 -11.28
N ALA A 42 -3.39 19.55 -12.17
CA ALA A 42 -3.19 18.11 -11.96
C ALA A 42 -2.21 17.56 -12.96
N ASN A 43 -1.46 16.52 -12.58
CA ASN A 43 -0.57 15.85 -13.51
C ASN A 43 -1.31 14.97 -14.53
N PHE A 44 -2.36 15.53 -15.11
CA PHE A 44 -3.10 14.92 -16.19
C PHE A 44 -2.93 15.80 -17.42
N PHE A 45 -2.39 15.22 -18.50
CA PHE A 45 -2.16 16.00 -19.71
C PHE A 45 -3.14 15.56 -20.81
N GLU A 46 -3.92 16.52 -21.31
CA GLU A 46 -4.96 16.24 -22.29
C GLU A 46 -4.40 15.62 -23.57
N MET A 47 -5.09 14.59 -24.04
CA MET A 47 -4.70 13.92 -25.27
C MET A 47 -5.67 14.29 -26.40
N ASP A 48 -5.11 14.72 -27.52
CA ASP A 48 -5.91 14.95 -28.71
C ASP A 48 -5.88 13.68 -29.56
N ILE A 49 -7.03 13.03 -29.65
CA ILE A 49 -7.12 11.72 -30.29
C ILE A 49 -8.02 11.74 -31.52
N PRO A 50 -7.52 11.18 -32.64
CA PRO A 50 -8.28 11.15 -33.89
C PRO A 50 -9.49 10.23 -33.80
N LYS A 51 -10.39 10.33 -34.77
CA LYS A 51 -11.59 9.50 -34.81
C LYS A 51 -11.40 8.28 -35.71
N ILE A 52 -10.16 8.01 -36.08
CA ILE A 52 -9.85 6.90 -36.98
C ILE A 52 -10.12 5.55 -36.32
N ASP A 53 -9.95 4.49 -37.09
CA ASP A 53 -10.03 3.13 -36.56
C ASP A 53 -8.63 2.58 -36.34
N ILE A 54 -8.43 1.93 -35.20
CA ILE A 54 -7.18 1.24 -34.91
C ILE A 54 -7.34 -0.24 -35.27
N TYR A 55 -6.32 -0.82 -35.87
CA TYR A 55 -6.39 -2.22 -36.28
C TYR A 55 -5.64 -3.14 -35.32
N HIS A 56 -6.39 -4.08 -34.74
CA HIS A 56 -5.90 -4.94 -33.68
C HIS A 56 -5.44 -6.29 -34.21
N TYR A 57 -4.15 -6.57 -34.07
CA TYR A 57 -3.60 -7.84 -34.53
C TYR A 57 -3.10 -8.72 -33.38
N GLU A 58 -3.41 -10.01 -33.46
CA GLU A 58 -3.00 -10.97 -32.44
C GLU A 58 -1.77 -11.75 -32.89
N LEU A 59 -0.84 -11.98 -31.97
CA LEU A 59 0.40 -12.67 -32.29
C LEU A 59 0.55 -14.00 -31.55
N ASP A 60 0.76 -15.07 -32.30
CA ASP A 60 1.16 -16.35 -31.72
C ASP A 60 2.62 -16.59 -32.05
N ILE A 61 3.46 -16.54 -31.03
CA ILE A 61 4.89 -16.76 -31.22
C ILE A 61 5.38 -17.93 -30.38
N LYS A 62 6.19 -18.79 -30.99
CA LYS A 62 6.68 -19.98 -30.32
C LYS A 62 8.22 -20.05 -30.34
N PRO A 63 8.83 -20.35 -29.18
CA PRO A 63 8.24 -20.64 -27.86
C PRO A 63 7.40 -19.51 -27.26
N GLU A 64 6.45 -19.85 -26.41
CA GLU A 64 5.46 -18.89 -25.93
C GLU A 64 5.66 -18.41 -24.50
N LYS A 65 6.75 -18.84 -23.86
CA LYS A 65 7.00 -18.46 -22.47
C LYS A 65 8.13 -17.45 -22.34
N CYS A 66 8.47 -16.81 -23.45
CA CYS A 66 9.56 -15.83 -23.47
C CYS A 66 9.16 -14.56 -22.71
N PRO A 67 10.14 -13.90 -22.09
CA PRO A 67 9.89 -12.63 -21.42
C PRO A 67 9.44 -11.55 -22.42
N ARG A 68 8.70 -10.56 -21.94
CA ARG A 68 8.11 -9.54 -22.80
C ARG A 68 9.13 -8.76 -23.62
N ARG A 69 10.35 -8.64 -23.12
CA ARG A 69 11.40 -7.91 -23.82
C ARG A 69 11.91 -8.68 -25.04
N VAL A 70 12.09 -9.98 -24.89
CA VAL A 70 12.48 -10.83 -26.00
C VAL A 70 11.38 -10.81 -27.07
N ASN A 71 10.14 -10.87 -26.62
CA ASN A 71 8.99 -10.73 -27.52
C ASN A 71 9.02 -9.42 -28.28
N ARG A 72 9.42 -8.35 -27.59
CA ARG A 72 9.49 -7.02 -28.20
C ARG A 72 10.58 -6.93 -29.26
N GLU A 73 11.72 -7.57 -29.01
CA GLU A 73 12.82 -7.57 -29.96
C GLU A 73 12.48 -8.41 -31.18
N ILE A 74 11.79 -9.53 -30.96
CA ILE A 74 11.34 -10.38 -32.03
C ILE A 74 10.39 -9.61 -32.96
N VAL A 75 9.43 -8.93 -32.36
CA VAL A 75 8.51 -8.08 -33.11
C VAL A 75 9.26 -6.96 -33.81
N GLU A 76 10.20 -6.35 -33.09
CA GLU A 76 10.99 -5.25 -33.64
C GLU A 76 11.73 -5.64 -34.91
N HIS A 77 12.36 -6.81 -34.89
CA HIS A 77 13.10 -7.28 -36.06
C HIS A 77 12.16 -7.83 -37.12
N MET A 78 11.03 -8.38 -36.68
CA MET A 78 10.03 -8.91 -37.60
C MET A 78 9.47 -7.82 -38.50
N VAL A 79 9.26 -6.64 -37.92
CA VAL A 79 8.70 -5.50 -38.65
C VAL A 79 9.63 -5.03 -39.77
N GLN A 80 10.90 -4.86 -39.44
CA GLN A 80 11.89 -4.40 -40.41
C GLN A 80 12.17 -5.47 -41.48
N HIS A 81 12.33 -6.70 -41.03
CA HIS A 81 12.69 -7.81 -41.92
C HIS A 81 11.63 -8.05 -42.99
N PHE A 82 10.37 -7.83 -42.63
CA PHE A 82 9.26 -8.04 -43.56
C PHE A 82 8.62 -6.72 -43.99
N LYS A 83 9.43 -5.68 -44.07
CA LYS A 83 8.95 -4.36 -44.48
C LYS A 83 8.47 -4.37 -45.93
N THR A 84 9.16 -5.10 -46.78
CA THR A 84 8.84 -5.12 -48.20
C THR A 84 7.45 -5.70 -48.49
N GLN A 85 7.09 -6.77 -47.79
CA GLN A 85 5.87 -7.50 -48.11
C GLN A 85 4.73 -7.33 -47.10
N ILE A 86 5.07 -6.99 -45.86
CA ILE A 86 4.05 -6.92 -44.81
C ILE A 86 3.81 -5.52 -44.25
N PHE A 87 4.83 -4.97 -43.60
CA PHE A 87 4.64 -3.78 -42.78
C PHE A 87 4.90 -2.45 -43.48
N GLY A 88 5.72 -2.45 -44.52
CA GLY A 88 5.96 -1.25 -45.29
C GLY A 88 6.49 -0.07 -44.49
N ASP A 89 5.79 1.05 -44.58
CA ASP A 89 6.16 2.26 -43.85
C ASP A 89 5.45 2.33 -42.50
N ARG A 90 4.50 1.42 -42.29
CA ARG A 90 3.68 1.43 -41.08
C ARG A 90 4.51 1.19 -39.83
N LYS A 91 4.04 1.72 -38.70
CA LYS A 91 4.73 1.57 -37.43
C LYS A 91 3.80 0.93 -36.40
N PRO A 92 3.79 -0.40 -36.35
CA PRO A 92 2.93 -1.10 -35.38
C PRO A 92 3.44 -0.95 -33.97
N VAL A 93 2.53 -0.96 -33.00
CA VAL A 93 2.89 -0.99 -31.59
C VAL A 93 2.59 -2.36 -31.02
N PHE A 94 3.20 -2.68 -29.89
CA PHE A 94 3.17 -4.05 -29.36
C PHE A 94 3.12 -4.04 -27.84
N ASP A 95 2.22 -4.82 -27.26
CA ASP A 95 2.02 -4.84 -25.81
C ASP A 95 3.02 -5.76 -25.09
N GLY A 96 3.91 -6.38 -25.85
CA GLY A 96 4.95 -7.22 -25.29
C GLY A 96 4.60 -8.70 -25.31
N ARG A 97 3.39 -9.02 -25.75
CA ARG A 97 2.86 -10.37 -25.57
C ARG A 97 2.20 -10.94 -26.84
N LYS A 98 0.95 -10.54 -27.10
CA LYS A 98 0.22 -11.07 -28.25
C LYS A 98 -0.48 -10.00 -29.08
N ASN A 99 -0.57 -8.79 -28.54
CA ASN A 99 -1.34 -7.72 -29.17
C ASN A 99 -0.52 -6.70 -29.93
N LEU A 100 -0.71 -6.65 -31.24
CA LEU A 100 -0.05 -5.67 -32.08
C LEU A 100 -1.09 -4.77 -32.74
N TYR A 101 -0.85 -3.47 -32.70
CA TYR A 101 -1.79 -2.51 -33.28
C TYR A 101 -1.14 -1.68 -34.39
N THR A 102 -1.90 -1.39 -35.44
CA THR A 102 -1.43 -0.54 -36.52
C THR A 102 -2.43 0.57 -36.78
N ALA A 103 -1.93 1.72 -37.22
CA ALA A 103 -2.79 2.86 -37.53
C ALA A 103 -3.51 2.64 -38.86
N MET A 104 -2.99 1.73 -39.67
CA MET A 104 -3.60 1.36 -40.94
C MET A 104 -3.55 -0.16 -41.13
N PRO A 105 -4.56 -0.72 -41.81
CA PRO A 105 -4.68 -2.18 -41.93
C PRO A 105 -3.50 -2.82 -42.68
N LEU A 106 -3.07 -3.98 -42.20
CA LEU A 106 -2.03 -4.74 -42.86
C LEU A 106 -2.62 -5.51 -44.04
N PRO A 107 -1.85 -5.63 -45.14
CA PRO A 107 -2.31 -6.35 -46.33
C PRO A 107 -2.36 -7.87 -46.11
N ILE A 108 -2.92 -8.30 -44.98
CA ILE A 108 -3.02 -9.71 -44.69
C ILE A 108 -4.43 -10.12 -44.28
N GLY A 109 -5.16 -9.21 -43.66
CA GLY A 109 -6.54 -9.46 -43.24
C GLY A 109 -7.33 -10.07 -44.38
N ARG A 110 -7.80 -11.31 -44.20
CA ARG A 110 -7.91 -11.92 -42.88
C ARG A 110 -7.60 -13.43 -42.83
N ASP A 111 -6.48 -13.85 -43.43
CA ASP A 111 -6.09 -15.25 -43.37
C ASP A 111 -4.79 -15.47 -42.57
N LYS A 112 -4.45 -16.74 -42.33
CA LYS A 112 -3.27 -17.07 -41.53
C LYS A 112 -1.93 -16.82 -42.19
N VAL A 113 -1.13 -15.97 -41.55
CA VAL A 113 0.20 -15.65 -42.02
C VAL A 113 1.21 -16.10 -40.97
N GLU A 114 1.99 -17.11 -41.32
CA GLU A 114 3.05 -17.59 -40.44
C GLU A 114 4.40 -17.09 -40.92
N LEU A 115 5.17 -16.53 -40.00
CA LEU A 115 6.49 -16.01 -40.33
C LEU A 115 7.57 -16.65 -39.47
N GLU A 116 8.81 -16.54 -39.90
CA GLU A 116 9.93 -17.01 -39.12
C GLU A 116 10.84 -15.82 -38.78
N VAL A 117 11.16 -15.67 -37.51
CA VAL A 117 11.96 -14.55 -37.03
C VAL A 117 13.26 -15.02 -36.41
N THR A 118 14.36 -14.42 -36.82
CA THR A 118 15.68 -14.82 -36.34
C THR A 118 16.36 -13.70 -35.55
N LEU A 119 16.91 -14.06 -34.39
CA LEU A 119 17.63 -13.11 -33.55
C LEU A 119 19.10 -13.48 -33.43
N ARG A 126 16.90 -18.65 -30.87
CA ARG A 126 17.34 -17.62 -31.80
C ARG A 126 16.48 -17.61 -33.06
N ILE A 127 15.67 -18.65 -33.22
CA ILE A 127 14.66 -18.69 -34.28
C ILE A 127 13.28 -18.80 -33.66
N PHE A 128 12.36 -17.93 -34.08
CA PHE A 128 11.00 -17.95 -33.56
C PHE A 128 9.99 -18.03 -34.69
N LYS A 129 8.92 -18.79 -34.46
CA LYS A 129 7.83 -18.90 -35.41
C LYS A 129 6.69 -17.98 -35.01
N VAL A 130 6.60 -16.83 -35.67
CA VAL A 130 5.58 -15.84 -35.34
C VAL A 130 4.44 -15.85 -36.35
N SER A 131 3.23 -16.11 -35.87
CA SER A 131 2.04 -15.93 -36.69
C SER A 131 1.30 -14.69 -36.21
N ILE A 132 0.68 -13.96 -37.14
CA ILE A 132 0.13 -12.65 -36.85
C ILE A 132 -1.32 -12.52 -37.33
N LYS A 133 -2.19 -11.85 -36.55
CA LYS A 133 -3.62 -11.90 -36.87
C LYS A 133 -4.58 -10.80 -36.42
N TRP A 134 -5.29 -10.21 -37.39
CA TRP A 134 -6.30 -9.16 -37.14
C TRP A 134 -7.52 -9.67 -36.37
N VAL A 135 -7.65 -9.23 -35.12
CA VAL A 135 -8.76 -9.66 -34.27
C VAL A 135 -10.03 -8.83 -34.49
N SER A 136 -9.88 -7.51 -34.48
CA SER A 136 -11.00 -6.60 -34.67
C SER A 136 -10.52 -5.19 -35.01
N CYS A 137 -11.45 -4.25 -35.05
CA CYS A 137 -11.10 -2.85 -35.24
C CYS A 137 -11.47 -2.05 -34.01
N VAL A 138 -10.51 -1.30 -33.48
CA VAL A 138 -10.78 -0.43 -32.34
C VAL A 138 -11.28 0.92 -32.80
N SER A 139 -12.55 1.19 -32.57
CA SER A 139 -13.16 2.45 -32.97
C SER A 139 -12.85 3.56 -31.97
N LEU A 140 -12.03 4.51 -32.38
CA LEU A 140 -11.70 5.65 -31.54
C LEU A 140 -12.87 6.63 -31.46
N GLN A 141 -13.74 6.57 -32.46
CA GLN A 141 -14.98 7.33 -32.44
C GLN A 141 -15.88 6.75 -31.36
N ALA A 142 -15.79 5.44 -31.18
CA ALA A 142 -16.50 4.75 -30.11
C ALA A 142 -15.84 4.96 -28.75
N LEU A 143 -14.72 5.68 -28.74
CA LEU A 143 -14.13 6.13 -27.50
C LEU A 143 -14.62 7.54 -27.20
N HIS A 144 -14.70 8.35 -28.25
CA HIS A 144 -15.19 9.71 -28.12
C HIS A 144 -16.64 9.73 -27.61
N ASP A 145 -17.45 8.79 -28.10
CA ASP A 145 -18.85 8.71 -27.71
C ASP A 145 -19.03 8.37 -26.23
N ALA A 146 -18.18 7.50 -25.69
CA ALA A 146 -18.29 7.08 -24.29
C ALA A 146 -17.93 8.21 -23.33
N LEU A 147 -17.05 9.11 -23.77
CA LEU A 147 -16.60 10.25 -22.98
C LEU A 147 -17.69 11.28 -22.71
N SER A 148 -18.88 11.01 -23.24
CA SER A 148 -20.03 11.88 -23.02
C SER A 148 -21.28 11.04 -22.89
N GLY A 149 -21.46 10.44 -21.72
CA GLY A 149 -22.57 9.53 -21.50
C GLY A 149 -22.30 8.22 -22.23
N ARG A 150 -23.24 7.86 -23.10
CA ARG A 150 -23.21 6.60 -23.83
C ARG A 150 -22.74 5.46 -22.94
N LEU A 151 -23.29 5.47 -21.73
CA LEU A 151 -22.79 4.77 -20.55
C LEU A 151 -22.84 3.25 -20.62
N VAL A 154 -17.97 2.63 -21.56
CA VAL A 154 -16.53 2.85 -21.75
C VAL A 154 -15.83 1.56 -22.17
N PRO A 155 -15.31 1.54 -23.41
CA PRO A 155 -14.65 0.32 -23.89
C PRO A 155 -13.22 0.19 -23.35
N PHE A 156 -13.04 -0.72 -22.40
CA PHE A 156 -11.74 -0.98 -21.79
C PHE A 156 -10.68 -1.30 -22.83
N GLU A 157 -11.10 -1.96 -23.91
CA GLU A 157 -10.18 -2.37 -24.97
C GLU A 157 -9.60 -1.19 -25.75
N THR A 158 -10.41 -0.15 -25.94
CA THR A 158 -9.96 1.04 -26.66
C THR A 158 -8.93 1.81 -25.83
N ILE A 159 -9.21 1.94 -24.53
CA ILE A 159 -8.28 2.57 -23.61
C ILE A 159 -6.95 1.82 -23.59
N GLN A 160 -7.05 0.49 -23.60
CA GLN A 160 -5.86 -0.36 -23.56
C GLN A 160 -5.03 -0.19 -24.83
N ALA A 161 -5.69 -0.03 -25.97
CA ALA A 161 -5.01 0.14 -27.25
C ALA A 161 -4.17 1.42 -27.26
N LEU A 162 -4.74 2.50 -26.74
CA LEU A 162 -4.02 3.78 -26.67
C LEU A 162 -2.84 3.69 -25.70
N ASP A 163 -3.05 2.96 -24.61
CA ASP A 163 -2.00 2.77 -23.61
C ASP A 163 -0.81 2.07 -24.24
N VAL A 164 -1.08 1.07 -25.07
CA VAL A 164 -0.04 0.34 -25.78
C VAL A 164 0.73 1.26 -26.72
N VAL A 165 0.01 2.17 -27.38
CA VAL A 165 0.63 3.15 -28.27
C VAL A 165 1.58 4.07 -27.51
N MET A 166 1.11 4.61 -26.39
CA MET A 166 1.87 5.60 -25.64
C MET A 166 3.11 5.02 -24.96
N ARG A 167 3.09 3.73 -24.66
CA ARG A 167 4.19 3.13 -23.92
C ARG A 167 5.02 2.13 -24.73
N HIS A 168 4.87 2.16 -26.06
CA HIS A 168 5.63 1.27 -26.92
C HIS A 168 7.10 1.67 -26.96
N LEU A 169 7.37 2.95 -27.22
CA LEU A 169 8.74 3.46 -27.26
C LEU A 169 9.47 3.40 -25.91
N PRO A 170 8.84 3.88 -24.81
CA PRO A 170 9.53 3.78 -23.53
C PRO A 170 9.79 2.34 -23.08
N SER A 171 8.97 1.41 -23.55
CA SER A 171 9.13 0.00 -23.20
C SER A 171 10.41 -0.57 -23.82
N MET A 172 10.87 0.03 -24.90
CA MET A 172 12.08 -0.43 -25.56
C MET A 172 13.31 0.25 -24.97
N ARG A 173 13.13 1.45 -24.44
CA ARG A 173 14.24 2.27 -24.00
C ARG A 173 14.54 2.12 -22.50
N TYR A 174 13.51 1.76 -21.73
CA TYR A 174 13.66 1.70 -20.28
C TYR A 174 13.31 0.31 -19.75
N THR A 175 13.38 0.16 -18.43
CA THR A 175 12.96 -1.06 -17.77
C THR A 175 11.56 -0.88 -17.21
N PRO A 176 10.55 -1.43 -17.90
CA PRO A 176 9.18 -1.28 -17.43
C PRO A 176 8.92 -2.06 -16.14
N VAL A 177 8.30 -1.40 -15.17
CA VAL A 177 7.86 -2.06 -13.95
C VAL A 177 6.40 -1.70 -13.72
N GLY A 178 5.53 -2.67 -13.98
CA GLY A 178 4.09 -2.42 -13.96
C GLY A 178 3.75 -1.36 -14.99
N ARG A 179 3.26 -0.22 -14.51
CA ARG A 179 2.92 0.89 -15.38
C ARG A 179 3.98 1.97 -15.36
N SER A 180 5.12 1.68 -14.73
CA SER A 180 6.21 2.64 -14.64
C SER A 180 7.41 2.25 -15.48
N PHE A 181 8.32 3.21 -15.67
CA PHE A 181 9.56 2.96 -16.40
C PHE A 181 10.74 3.46 -15.58
N PHE A 182 11.82 2.68 -15.54
CA PHE A 182 13.00 3.05 -14.78
C PHE A 182 14.28 2.78 -15.57
N THR A 183 15.35 3.50 -15.18
CA THR A 183 16.68 3.23 -15.70
C THR A 183 17.71 3.48 -14.62
N ALA A 184 18.89 2.89 -14.78
CA ALA A 184 19.98 3.12 -13.85
C ALA A 184 20.49 4.56 -13.99
N SER A 185 20.94 5.13 -12.88
CA SER A 185 21.41 6.51 -12.88
C SER A 185 22.79 6.60 -13.55
N SER A 189 25.40 4.05 -7.25
CA SER A 189 25.47 5.51 -7.29
C SER A 189 24.41 6.12 -6.38
N ASN A 190 23.43 5.31 -5.99
CA ASN A 190 22.40 5.72 -5.04
C ASN A 190 22.03 4.55 -4.14
N PRO A 191 22.93 4.20 -3.21
CA PRO A 191 22.83 2.97 -2.41
C PRO A 191 21.81 3.04 -1.27
N LEU A 192 21.25 1.88 -0.94
CA LEU A 192 20.39 1.74 0.22
C LEU A 192 21.07 0.80 1.21
N GLY A 193 22.10 0.10 0.73
CA GLY A 193 22.76 -0.92 1.51
C GLY A 193 22.09 -2.27 1.29
N GLY A 194 22.83 -3.34 1.57
CA GLY A 194 22.30 -4.69 1.40
C GLY A 194 22.11 -5.08 -0.04
N GLY A 195 22.89 -4.47 -0.92
CA GLY A 195 22.82 -4.78 -2.35
C GLY A 195 21.69 -4.10 -3.07
N ARG A 196 20.98 -3.22 -2.36
CA ARG A 196 19.83 -2.53 -2.94
C ARG A 196 20.19 -1.13 -3.42
N GLU A 197 19.48 -0.66 -4.44
CA GLU A 197 19.82 0.58 -5.12
C GLU A 197 18.55 1.36 -5.44
N VAL A 198 18.70 2.67 -5.63
CA VAL A 198 17.56 3.50 -6.00
C VAL A 198 17.61 3.88 -7.48
N TRP A 199 16.59 3.47 -8.22
CA TRP A 199 16.45 3.88 -9.60
C TRP A 199 15.33 4.89 -9.72
N PHE A 200 15.59 5.96 -10.47
CA PHE A 200 14.57 6.97 -10.71
C PHE A 200 13.91 6.75 -12.06
N GLY A 201 12.62 7.08 -12.13
CA GLY A 201 11.87 6.89 -13.35
C GLY A 201 10.53 7.58 -13.26
N PHE A 202 9.52 7.01 -13.93
CA PHE A 202 8.22 7.66 -13.97
C PHE A 202 7.06 6.71 -14.22
N HIS A 203 5.89 7.11 -13.73
CA HIS A 203 4.65 6.42 -14.01
C HIS A 203 4.00 7.02 -15.24
N GLN A 204 3.32 6.18 -16.02
CA GLN A 204 2.59 6.64 -17.19
C GLN A 204 1.37 5.77 -17.43
N SER A 205 0.21 6.40 -17.59
CA SER A 205 -1.02 5.68 -17.89
C SER A 205 -2.02 6.56 -18.62
N VAL A 206 -2.83 5.95 -19.48
CA VAL A 206 -3.89 6.66 -20.17
C VAL A 206 -5.20 6.50 -19.42
N ARG A 207 -5.85 7.61 -19.11
CA ARG A 207 -7.06 7.59 -18.29
C ARG A 207 -8.22 8.34 -18.90
N PRO A 208 -9.43 7.81 -18.73
CA PRO A 208 -10.63 8.49 -19.19
C PRO A 208 -11.10 9.57 -18.23
N SER A 209 -11.70 10.62 -18.78
CA SER A 209 -12.37 11.66 -18.00
C SER A 209 -13.47 12.21 -18.89
N LEU A 210 -14.19 13.21 -18.40
CA LEU A 210 -15.27 13.81 -19.20
C LEU A 210 -14.70 14.58 -20.39
N TRP A 211 -15.12 14.17 -21.59
CA TRP A 211 -14.75 14.82 -22.86
C TRP A 211 -13.37 14.43 -23.42
N LYS A 212 -12.46 14.00 -22.55
CA LYS A 212 -11.07 13.83 -22.96
C LYS A 212 -10.41 12.55 -22.43
N MET A 213 -9.46 12.02 -23.20
CA MET A 213 -8.49 11.07 -22.67
C MET A 213 -7.40 11.89 -22.00
N MET A 214 -6.93 11.42 -20.85
CA MET A 214 -5.86 12.10 -20.14
C MET A 214 -4.64 11.21 -20.05
N LEU A 215 -3.46 11.82 -20.14
CA LEU A 215 -2.23 11.09 -19.91
C LEU A 215 -1.72 11.42 -18.51
N ASN A 216 -1.80 10.45 -17.61
CA ASN A 216 -1.33 10.65 -16.24
C ASN A 216 0.17 10.39 -16.14
N ILE A 217 0.91 11.43 -15.78
CA ILE A 217 2.36 11.37 -15.72
C ILE A 217 2.87 11.82 -14.36
N ASP A 218 3.69 10.99 -13.72
CA ASP A 218 4.26 11.34 -12.42
C ASP A 218 5.68 10.80 -12.26
N VAL A 219 6.48 11.49 -11.46
CA VAL A 219 7.81 11.02 -11.13
C VAL A 219 7.72 9.88 -10.14
N SER A 220 8.69 8.97 -10.19
CA SER A 220 8.69 7.81 -9.31
C SER A 220 10.10 7.31 -9.03
N ALA A 221 10.21 6.43 -8.03
CA ALA A 221 11.48 5.84 -7.66
C ALA A 221 11.24 4.58 -6.85
N THR A 222 11.95 3.51 -7.20
CA THR A 222 11.79 2.24 -6.50
C THR A 222 13.13 1.56 -6.24
N ALA A 223 13.11 0.53 -5.41
CA ALA A 223 14.32 -0.18 -5.02
C ALA A 223 14.70 -1.26 -6.02
N PHE A 224 15.94 -1.21 -6.50
CA PHE A 224 16.48 -2.22 -7.39
C PHE A 224 17.70 -2.87 -6.77
N TYR A 225 18.00 -4.10 -7.16
CA TYR A 225 19.21 -4.77 -6.72
C TYR A 225 20.39 -4.35 -7.59
N LYS A 226 21.47 -3.96 -6.94
CA LYS A 226 22.67 -3.52 -7.64
C LYS A 226 23.26 -4.66 -8.47
N ALA A 227 23.62 -4.36 -9.71
CA ALA A 227 24.26 -5.34 -10.57
C ALA A 227 25.73 -5.50 -10.19
N GLN A 228 26.05 -6.65 -9.61
CA GLN A 228 27.40 -6.90 -9.09
C GLN A 228 27.60 -8.39 -8.88
N PRO A 229 28.86 -8.84 -8.87
CA PRO A 229 29.21 -10.20 -8.47
C PRO A 229 28.54 -10.61 -7.17
N VAL A 230 28.07 -11.86 -7.11
CA VAL A 230 27.36 -12.38 -5.94
C VAL A 230 28.24 -12.33 -4.69
N ILE A 231 29.55 -12.50 -4.89
CA ILE A 231 30.52 -12.40 -3.80
C ILE A 231 30.38 -11.09 -3.04
N GLU A 232 30.25 -10.00 -3.77
CA GLU A 232 30.10 -8.67 -3.17
C GLU A 232 28.69 -8.47 -2.61
N PHE A 233 27.72 -9.16 -3.20
CA PHE A 233 26.35 -9.15 -2.68
C PHE A 233 26.34 -9.79 -1.30
N VAL A 234 27.14 -10.85 -1.15
CA VAL A 234 27.30 -11.52 0.14
C VAL A 234 27.85 -10.56 1.19
N CYS A 235 28.87 -9.80 0.80
CA CYS A 235 29.51 -8.85 1.70
C CYS A 235 28.54 -7.79 2.22
N GLU A 236 27.80 -7.16 1.31
CA GLU A 236 26.86 -6.12 1.68
C GLU A 236 25.72 -6.65 2.54
N VAL A 237 25.35 -7.91 2.29
CA VAL A 237 24.28 -8.54 3.05
C VAL A 237 24.74 -8.93 4.46
N LEU A 238 25.94 -9.49 4.56
CA LEU A 238 26.45 -9.99 5.84
C LEU A 238 27.40 -9.01 6.52
N ASP A 239 27.41 -7.76 6.05
CA ASP A 239 28.25 -6.70 6.61
C ASP A 239 29.74 -7.07 6.61
N PHE A 240 30.28 -7.29 5.42
CA PHE A 240 31.71 -7.55 5.26
C PHE A 240 32.36 -6.42 4.47
N LYS A 241 33.42 -5.84 5.01
CA LYS A 241 34.20 -4.86 4.26
C LYS A 241 34.98 -5.59 3.18
N SER A 242 35.29 -6.86 3.44
CA SER A 242 35.97 -7.71 2.48
C SER A 242 35.62 -9.17 2.73
N ILE A 243 35.48 -9.94 1.66
CA ILE A 243 35.10 -11.36 1.75
C ILE A 243 36.18 -12.20 2.44
N GLU A 244 37.42 -11.70 2.42
CA GLU A 244 38.55 -12.43 2.98
C GLU A 244 38.43 -12.62 4.50
N GLN A 247 39.18 -16.71 4.64
CA GLN A 247 38.06 -16.80 5.57
C GLN A 247 37.70 -18.26 5.86
N LYS A 248 36.42 -18.52 6.07
CA LYS A 248 35.94 -19.83 6.51
C LYS A 248 34.43 -19.92 6.27
N PRO A 249 33.89 -21.16 6.21
CA PRO A 249 32.46 -21.38 5.98
C PRO A 249 31.54 -20.52 6.86
N LEU A 250 30.42 -20.10 6.28
CA LEU A 250 29.44 -19.30 7.00
C LEU A 250 28.76 -20.14 8.08
N THR A 251 28.42 -19.49 9.20
CA THR A 251 27.66 -20.16 10.24
C THR A 251 26.24 -20.40 9.77
N ASP A 252 25.47 -21.14 10.55
CA ASP A 252 24.06 -21.38 10.22
C ASP A 252 23.25 -20.08 10.29
N SER A 253 23.80 -19.09 10.97
CA SER A 253 23.17 -17.78 11.06
C SER A 253 23.34 -17.00 9.76
N GLN A 254 24.59 -16.88 9.32
CA GLN A 254 24.93 -16.09 8.12
C GLN A 254 24.27 -16.64 6.86
N ARG A 255 24.21 -17.96 6.75
CA ARG A 255 23.68 -18.61 5.55
C ARG A 255 22.16 -18.39 5.41
N VAL A 256 21.45 -18.43 6.54
CA VAL A 256 20.02 -18.21 6.53
C VAL A 256 19.67 -16.78 6.11
N LYS A 257 20.44 -15.82 6.62
CA LYS A 257 20.27 -14.42 6.24
C LYS A 257 20.56 -14.22 4.76
N PHE A 258 21.64 -14.85 4.30
CA PHE A 258 22.04 -14.75 2.89
C PHE A 258 21.05 -15.47 1.97
N THR A 259 20.58 -16.64 2.41
CA THR A 259 19.59 -17.39 1.64
C THR A 259 18.33 -16.56 1.44
N LYS A 260 17.90 -15.87 2.49
CA LYS A 260 16.72 -15.03 2.44
C LYS A 260 16.82 -13.94 1.36
N GLU A 261 17.99 -13.32 1.26
CA GLU A 261 18.18 -12.19 0.36
C GLU A 261 18.25 -12.57 -1.12
N ILE A 262 19.00 -13.62 -1.42
CA ILE A 262 19.30 -13.98 -2.81
C ILE A 262 18.26 -14.92 -3.42
N LYS A 263 17.44 -15.55 -2.58
CA LYS A 263 16.44 -16.51 -3.03
C LYS A 263 15.41 -15.84 -3.94
N GLY A 264 15.24 -16.38 -5.14
CA GLY A 264 14.29 -15.84 -6.08
C GLY A 264 14.89 -14.82 -7.03
N LEU A 265 16.15 -14.44 -6.76
CA LEU A 265 16.83 -13.49 -7.62
C LEU A 265 17.48 -14.19 -8.82
N LYS A 266 17.69 -13.42 -9.88
CA LYS A 266 18.34 -13.94 -11.08
C LYS A 266 19.85 -13.72 -11.03
N VAL A 267 20.60 -14.74 -11.42
CA VAL A 267 22.05 -14.64 -11.52
C VAL A 267 22.52 -15.00 -12.92
N GLU A 268 23.75 -14.61 -13.26
CA GLU A 268 24.32 -14.91 -14.57
C GLU A 268 25.76 -15.39 -14.45
N ILE A 269 26.15 -16.31 -15.32
CA ILE A 269 27.47 -16.92 -15.26
C ILE A 269 28.54 -16.05 -15.93
N THR A 270 29.64 -15.86 -15.21
CA THR A 270 30.76 -15.07 -15.74
C THR A 270 31.74 -15.97 -16.49
N ARG A 277 24.77 -16.95 -19.43
CA ARG A 277 23.52 -17.67 -19.18
C ARG A 277 22.89 -17.25 -17.86
N LYS A 278 21.57 -17.04 -17.88
CA LYS A 278 20.85 -16.56 -16.71
C LYS A 278 20.09 -17.68 -16.00
N TYR A 279 20.11 -17.64 -14.67
CA TYR A 279 19.43 -18.63 -13.85
C TYR A 279 18.57 -17.99 -12.78
N ARG A 280 17.61 -18.75 -12.27
CA ARG A 280 16.81 -18.31 -11.13
C ARG A 280 17.29 -19.04 -9.88
N VAL A 281 17.68 -18.29 -8.85
CA VAL A 281 18.16 -18.88 -7.62
C VAL A 281 17.00 -19.40 -6.78
N CYS A 282 17.01 -20.70 -6.48
CA CYS A 282 15.93 -21.30 -5.71
C CYS A 282 16.35 -21.64 -4.27
N ASN A 283 17.65 -21.77 -4.04
CA ASN A 283 18.17 -22.05 -2.70
C ASN A 283 19.68 -21.88 -2.58
N VAL A 284 20.16 -21.78 -1.35
CA VAL A 284 21.59 -21.79 -1.06
C VAL A 284 21.95 -23.06 -0.32
N THR A 285 22.95 -23.78 -0.83
CA THR A 285 23.34 -25.06 -0.25
C THR A 285 23.86 -24.93 1.16
N ARG A 286 23.63 -25.97 1.97
CA ARG A 286 24.12 -26.00 3.34
C ARG A 286 25.62 -26.27 3.35
N ARG A 287 26.10 -26.94 2.30
CA ARG A 287 27.49 -27.37 2.23
C ARG A 287 28.33 -26.46 1.33
N PRO A 288 29.63 -26.38 1.60
CA PRO A 288 30.55 -25.60 0.75
C PRO A 288 30.75 -26.26 -0.61
N ALA A 289 31.25 -25.49 -1.57
CA ALA A 289 31.44 -25.99 -2.93
C ALA A 289 32.40 -27.17 -2.99
N SER A 290 33.37 -27.18 -2.08
CA SER A 290 34.38 -28.25 -2.05
C SER A 290 33.77 -29.60 -1.68
N HIS A 291 32.58 -29.57 -1.07
CA HIS A 291 31.95 -30.79 -0.58
C HIS A 291 30.56 -31.02 -1.15
N GLN A 292 29.94 -29.98 -1.69
CA GLN A 292 28.62 -30.11 -2.31
C GLN A 292 28.71 -31.00 -3.55
N THR A 293 27.90 -32.06 -3.58
CA THR A 293 27.98 -33.02 -4.68
C THR A 293 26.71 -33.04 -5.54
N PHE A 294 26.84 -33.64 -6.72
CA PHE A 294 25.71 -33.86 -7.62
C PHE A 294 26.00 -35.12 -8.42
N PRO A 295 24.94 -35.84 -8.83
CA PRO A 295 25.16 -37.06 -9.62
C PRO A 295 25.64 -36.74 -11.05
N LEU A 296 26.80 -37.28 -11.40
CA LEU A 296 27.40 -37.06 -12.71
C LEU A 296 27.56 -38.39 -13.43
N GLN A 297 26.94 -38.51 -14.61
CA GLN A 297 27.04 -39.74 -15.39
C GLN A 297 28.32 -39.79 -16.22
N GLN A 298 29.04 -40.90 -16.10
CA GLN A 298 30.26 -41.12 -16.85
C GLN A 298 29.96 -41.83 -18.15
N GLU A 299 30.99 -42.05 -18.96
CA GLU A 299 30.82 -42.72 -20.26
C GLU A 299 30.54 -44.21 -20.10
N SER A 300 30.76 -44.72 -18.88
CA SER A 300 30.44 -46.11 -18.58
C SER A 300 28.94 -46.28 -18.38
N GLY A 301 28.24 -45.16 -18.23
CA GLY A 301 26.81 -45.17 -17.99
C GLY A 301 26.51 -45.03 -16.50
N GLN A 302 27.50 -45.37 -15.68
CA GLN A 302 27.34 -45.30 -14.23
C GLN A 302 27.36 -43.85 -13.74
N THR A 303 26.40 -43.50 -12.90
CA THR A 303 26.34 -42.17 -12.32
C THR A 303 27.07 -42.11 -10.98
N VAL A 304 27.95 -41.13 -10.83
CA VAL A 304 28.71 -40.97 -9.60
C VAL A 304 28.49 -39.59 -9.01
N GLU A 305 28.63 -39.47 -7.69
CA GLU A 305 28.53 -38.18 -7.02
C GLU A 305 29.83 -37.40 -7.19
N CYS A 306 29.74 -36.23 -7.81
CA CYS A 306 30.90 -35.39 -8.05
C CYS A 306 30.72 -34.05 -7.36
N THR A 307 31.79 -33.54 -6.76
CA THR A 307 31.72 -32.26 -6.06
C THR A 307 31.69 -31.10 -7.07
N VAL A 308 31.09 -29.99 -6.66
CA VAL A 308 31.01 -28.80 -7.50
C VAL A 308 32.40 -28.27 -7.82
N ALA A 309 33.28 -28.32 -6.83
CA ALA A 309 34.66 -27.86 -7.00
C ALA A 309 35.42 -28.72 -8.01
N GLN A 310 35.26 -30.03 -7.93
CA GLN A 310 35.94 -30.94 -8.84
C GLN A 310 35.43 -30.78 -10.26
N TYR A 311 34.12 -30.59 -10.40
CA TYR A 311 33.52 -30.40 -11.71
C TYR A 311 34.02 -29.14 -12.40
N PHE A 312 34.02 -28.03 -11.67
CA PHE A 312 34.50 -26.76 -12.21
C PHE A 312 35.99 -26.78 -12.52
N LYS A 313 36.70 -27.72 -11.90
CA LYS A 313 38.11 -27.91 -12.16
C LYS A 313 38.32 -28.72 -13.42
N ASP A 314 37.63 -29.85 -13.52
CA ASP A 314 37.74 -30.73 -14.68
C ASP A 314 37.12 -30.11 -15.93
N ARG A 315 35.88 -29.65 -15.80
CA ARG A 315 35.11 -29.18 -16.96
C ARG A 315 35.47 -27.78 -17.42
N HIS A 316 35.73 -26.88 -16.47
CA HIS A 316 35.92 -25.48 -16.79
C HIS A 316 37.34 -24.96 -16.50
N LYS A 317 38.25 -25.87 -16.16
CA LYS A 317 39.63 -25.52 -15.89
C LYS A 317 39.78 -24.46 -14.80
N LEU A 318 38.84 -24.46 -13.86
CA LEU A 318 38.79 -23.41 -12.85
C LEU A 318 38.94 -23.96 -11.42
N VAL A 319 40.01 -23.57 -10.75
CA VAL A 319 40.20 -23.91 -9.35
C VAL A 319 39.48 -22.86 -8.50
N LEU A 320 38.44 -23.29 -7.79
CA LEU A 320 37.61 -22.38 -7.02
C LEU A 320 38.40 -21.60 -5.97
N ARG A 321 38.34 -20.28 -6.07
CA ARG A 321 39.07 -19.39 -5.18
C ARG A 321 38.48 -19.39 -3.78
N TYR A 322 37.17 -19.55 -3.68
CA TYR A 322 36.49 -19.58 -2.38
C TYR A 322 35.70 -20.86 -2.18
N PRO A 323 36.38 -22.01 -2.09
CA PRO A 323 35.69 -23.30 -2.01
C PRO A 323 34.97 -23.51 -0.67
N HIS A 324 35.23 -22.63 0.29
CA HIS A 324 34.61 -22.74 1.61
C HIS A 324 33.21 -22.13 1.64
N LEU A 325 32.88 -21.37 0.60
CA LEU A 325 31.57 -20.75 0.49
C LEU A 325 30.56 -21.71 -0.12
N PRO A 326 29.27 -21.52 0.18
CA PRO A 326 28.23 -22.42 -0.34
C PRO A 326 27.92 -22.14 -1.82
N CYS A 327 27.05 -22.95 -2.40
CA CYS A 327 26.68 -22.77 -3.80
C CYS A 327 25.25 -22.26 -3.94
N LEU A 328 24.96 -21.68 -5.10
CA LEU A 328 23.60 -21.30 -5.44
C LEU A 328 22.93 -22.46 -6.17
N GLN A 329 21.80 -22.92 -5.65
CA GLN A 329 21.02 -23.93 -6.34
C GLN A 329 20.08 -23.23 -7.31
N VAL A 330 20.17 -23.60 -8.60
CA VAL A 330 19.37 -22.96 -9.63
C VAL A 330 18.58 -23.98 -10.42
N GLY A 331 17.65 -23.50 -11.25
CA GLY A 331 16.73 -24.38 -11.95
C GLY A 331 15.83 -25.06 -10.95
N GLN A 332 15.70 -26.38 -11.07
CA GLN A 332 14.97 -27.15 -10.07
C GLN A 332 15.67 -28.47 -9.76
N GLU A 333 15.25 -29.11 -8.67
CA GLU A 333 15.86 -30.34 -8.19
C GLU A 333 15.87 -31.44 -9.25
N HIS A 336 19.91 -31.10 -10.63
CA HIS A 336 20.80 -30.80 -9.52
C HIS A 336 21.86 -29.78 -9.92
N THR A 337 21.42 -28.57 -10.24
CA THR A 337 22.33 -27.53 -10.72
C THR A 337 22.79 -26.62 -9.59
N TYR A 338 24.09 -26.66 -9.31
CA TYR A 338 24.67 -25.81 -8.28
C TYR A 338 25.72 -24.88 -8.88
N LEU A 339 25.73 -23.63 -8.43
CA LEU A 339 26.66 -22.64 -8.94
C LEU A 339 27.46 -22.00 -7.82
N PRO A 340 28.80 -22.06 -7.93
CA PRO A 340 29.71 -21.34 -7.02
C PRO A 340 29.39 -19.86 -7.04
N LEU A 341 29.48 -19.19 -5.88
CA LEU A 341 29.17 -17.78 -5.78
C LEU A 341 30.06 -16.91 -6.65
N GLU A 342 31.32 -17.33 -6.80
CA GLU A 342 32.33 -16.49 -7.46
C GLU A 342 32.22 -16.47 -8.98
N VAL A 343 31.34 -17.29 -9.54
CA VAL A 343 31.14 -17.31 -10.99
C VAL A 343 29.80 -16.69 -11.37
N CYS A 344 29.13 -16.08 -10.41
CA CYS A 344 27.80 -15.51 -10.64
C CYS A 344 27.74 -14.01 -10.39
N ASN A 345 26.97 -13.32 -11.22
CA ASN A 345 26.66 -11.92 -10.99
C ASN A 345 25.16 -11.74 -10.78
N ILE A 346 24.77 -10.80 -9.93
CA ILE A 346 23.37 -10.44 -9.81
C ILE A 346 22.94 -9.76 -11.10
N VAL A 347 21.93 -10.32 -11.76
CA VAL A 347 21.45 -9.79 -13.03
C VAL A 347 20.87 -8.38 -12.85
N ALA A 348 21.27 -7.47 -13.73
CA ALA A 348 20.80 -6.09 -13.67
C ALA A 348 19.31 -5.98 -13.98
N GLY A 349 18.67 -4.94 -13.45
CA GLY A 349 17.29 -4.65 -13.75
C GLY A 349 16.27 -5.41 -12.91
N GLN A 350 16.70 -5.91 -11.76
CA GLN A 350 15.80 -6.64 -10.87
C GLN A 350 15.29 -5.75 -9.74
N ARG A 351 13.98 -5.56 -9.68
CA ARG A 351 13.38 -4.73 -8.65
C ARG A 351 13.26 -5.47 -7.32
N CYS A 352 13.53 -4.77 -6.23
CA CYS A 352 13.37 -5.34 -4.89
C CYS A 352 11.91 -5.41 -4.51
N ILE A 353 11.44 -6.61 -4.19
CA ILE A 353 10.06 -6.80 -3.76
C ILE A 353 10.01 -6.98 -2.24
N LYS A 354 11.04 -7.63 -1.70
CA LYS A 354 11.11 -7.93 -0.27
C LYS A 354 11.13 -6.69 0.60
N LYS A 355 10.70 -6.86 1.85
CA LYS A 355 10.58 -5.76 2.80
C LYS A 355 11.92 -5.06 3.06
N LEU A 356 11.91 -3.73 3.00
CA LEU A 356 13.10 -2.94 3.28
C LEU A 356 13.32 -2.83 4.78
N THR A 357 14.57 -2.67 5.18
CA THR A 357 14.89 -2.40 6.58
C THR A 357 14.44 -0.98 6.91
N ASP A 358 14.34 -0.67 8.21
CA ASP A 358 13.89 0.65 8.64
C ASP A 358 14.83 1.76 8.17
N ASN A 359 16.11 1.45 8.09
CA ASN A 359 17.10 2.41 7.61
C ASN A 359 17.06 2.57 6.09
N GLN A 360 16.85 1.46 5.39
CA GLN A 360 16.77 1.47 3.93
C GLN A 360 15.59 2.30 3.44
N THR A 361 14.43 2.10 4.04
CA THR A 361 13.24 2.84 3.64
C THR A 361 13.38 4.33 3.97
N SER A 362 14.03 4.64 5.08
CA SER A 362 14.23 6.02 5.50
C SER A 362 15.07 6.78 4.47
N THR A 363 16.19 6.17 4.07
CA THR A 363 17.04 6.75 3.03
C THR A 363 16.25 6.92 1.75
N MET A 364 15.41 5.93 1.45
CA MET A 364 14.57 5.96 0.27
C MET A 364 13.52 7.06 0.38
N ILE A 365 12.91 7.19 1.55
CA ILE A 365 11.99 8.29 1.82
C ILE A 365 12.71 9.61 1.55
N ARG A 366 13.92 9.72 2.09
CA ARG A 366 14.70 10.95 2.01
C ARG A 366 15.09 11.34 0.59
N ALA A 367 15.71 10.42 -0.14
CA ALA A 367 16.21 10.71 -1.48
C ALA A 367 15.09 10.89 -2.50
N THR A 368 13.86 10.60 -2.09
CA THR A 368 12.71 10.69 -2.99
C THR A 368 11.70 11.75 -2.57
N ALA A 369 11.76 12.17 -1.30
CA ALA A 369 10.84 13.19 -0.79
C ALA A 369 11.21 14.58 -1.26
N ARG A 370 10.20 15.36 -1.63
CA ARG A 370 10.41 16.73 -2.09
C ARG A 370 9.09 17.48 -2.20
N SER A 371 9.15 18.79 -2.01
CA SER A 371 7.96 19.65 -1.98
C SER A 371 7.09 19.53 -3.23
N ALA A 372 5.83 19.94 -3.10
CA ALA A 372 4.91 20.00 -4.23
C ALA A 372 5.40 20.87 -5.40
N PRO A 373 5.95 22.07 -5.12
CA PRO A 373 6.49 22.85 -6.24
C PRO A 373 7.65 22.13 -6.93
N ASP A 374 8.50 21.47 -6.16
CA ASP A 374 9.62 20.71 -6.72
C ASP A 374 9.15 19.58 -7.62
N ARG A 375 8.17 18.82 -7.13
CA ARG A 375 7.64 17.68 -7.88
C ARG A 375 6.97 18.13 -9.18
N GLN A 376 6.25 19.23 -9.11
CA GLN A 376 5.58 19.77 -10.29
C GLN A 376 6.57 20.12 -11.39
N GLU A 377 7.68 20.73 -11.00
CA GLU A 377 8.73 21.10 -11.96
C GLU A 377 9.36 19.89 -12.62
N GLU A 378 9.52 18.80 -11.87
CA GLU A 378 10.14 17.60 -12.43
C GLU A 378 9.20 16.81 -13.34
N ILE A 379 7.89 16.91 -13.10
CA ILE A 379 6.92 16.33 -14.01
C ILE A 379 6.98 17.10 -15.32
N SER A 380 7.10 18.41 -15.22
CA SER A 380 7.23 19.28 -16.40
C SER A 380 8.47 18.93 -17.22
N LYS A 381 9.59 18.73 -16.54
CA LYS A 381 10.84 18.36 -17.21
C LYS A 381 10.73 17.03 -17.91
N LEU A 382 10.05 16.10 -17.25
CA LEU A 382 9.84 14.78 -17.82
C LEU A 382 9.01 14.89 -19.09
N MET A 383 8.00 15.75 -19.05
CA MET A 383 7.17 16.01 -20.22
C MET A 383 8.01 16.55 -21.37
N ARG A 384 8.95 17.42 -21.04
CA ARG A 384 9.85 18.00 -22.04
C ARG A 384 10.79 16.95 -22.60
N SER A 385 11.28 16.05 -21.75
CA SER A 385 12.22 15.01 -22.19
C SER A 385 11.50 13.86 -22.88
N ALA A 386 10.26 13.59 -22.47
CA ALA A 386 9.45 12.56 -23.11
C ALA A 386 9.13 12.99 -24.54
N ASP A 387 8.73 14.25 -24.69
CA ASP A 387 8.45 14.85 -25.99
C ASP A 387 7.51 13.98 -26.82
N PHE A 388 6.33 13.70 -26.26
CA PHE A 388 5.37 12.79 -26.89
C PHE A 388 4.97 13.21 -28.30
N ASN A 389 4.92 14.52 -28.54
CA ASN A 389 4.51 15.02 -29.84
C ASN A 389 5.54 14.84 -30.95
N THR A 390 6.63 14.15 -30.64
CA THR A 390 7.64 13.81 -31.65
C THR A 390 7.94 12.32 -31.62
N ASP A 391 7.35 11.62 -30.65
CA ASP A 391 7.43 10.16 -30.60
C ASP A 391 6.82 9.61 -31.89
N PRO A 392 7.64 8.88 -32.67
CA PRO A 392 7.25 8.37 -33.98
C PRO A 392 5.98 7.53 -33.96
N TYR A 393 5.69 6.90 -32.83
CA TYR A 393 4.56 5.99 -32.74
C TYR A 393 3.24 6.69 -32.41
N VAL A 394 3.26 7.69 -31.55
CA VAL A 394 2.04 8.46 -31.28
C VAL A 394 1.75 9.39 -32.46
N ARG A 395 2.80 9.74 -33.20
CA ARG A 395 2.63 10.49 -34.44
C ARG A 395 1.96 9.61 -35.48
N GLU A 396 2.42 8.37 -35.56
CA GLU A 396 1.86 7.37 -36.47
C GLU A 396 0.37 7.19 -36.23
N PHE A 397 -0.04 7.19 -34.97
CA PHE A 397 -1.44 7.04 -34.61
C PHE A 397 -2.16 8.38 -34.46
N GLY A 398 -1.49 9.45 -34.92
CA GLY A 398 -2.09 10.77 -34.97
C GLY A 398 -2.52 11.34 -33.63
N ILE A 399 -1.81 10.96 -32.57
CA ILE A 399 -2.12 11.42 -31.22
C ILE A 399 -1.32 12.64 -30.84
N MET A 400 -1.95 13.58 -30.14
CA MET A 400 -1.26 14.74 -29.62
C MET A 400 -1.46 14.84 -28.11
N VAL A 401 -0.40 15.22 -27.39
CA VAL A 401 -0.48 15.38 -25.95
C VAL A 401 -0.16 16.82 -25.56
N LYS A 402 -1.09 17.46 -24.85
CA LYS A 402 -0.89 18.83 -24.41
C LYS A 402 0.27 18.94 -23.42
N ASP A 403 1.06 20.00 -23.57
CA ASP A 403 2.29 20.16 -22.78
C ASP A 403 2.02 20.71 -21.38
N GLU A 404 0.87 21.32 -21.19
CA GLU A 404 0.53 21.93 -19.91
C GLU A 404 -0.35 21.02 -19.05
N MET A 405 -0.17 21.11 -17.74
CA MET A 405 -1.02 20.38 -16.81
C MET A 405 -2.46 20.86 -16.90
N THR A 406 -3.40 19.96 -16.66
CA THR A 406 -4.81 20.30 -16.71
C THR A 406 -5.20 21.25 -15.58
N ASP A 407 -5.86 22.35 -15.93
CA ASP A 407 -6.39 23.27 -14.94
C ASP A 407 -7.69 22.72 -14.35
N VAL A 408 -7.74 22.65 -13.02
CA VAL A 408 -8.92 22.14 -12.34
C VAL A 408 -9.30 23.03 -11.17
N THR A 409 -10.59 23.31 -11.03
CA THR A 409 -11.08 24.07 -9.89
C THR A 409 -11.41 23.14 -8.73
N GLY A 410 -10.65 23.24 -7.66
CA GLY A 410 -10.92 22.46 -6.47
C GLY A 410 -11.80 23.23 -5.51
N ARG A 411 -12.34 22.52 -4.52
CA ARG A 411 -13.15 23.16 -3.50
C ARG A 411 -12.61 22.78 -2.12
N VAL A 412 -12.30 23.79 -1.31
CA VAL A 412 -11.79 23.54 0.03
C VAL A 412 -12.94 23.43 1.02
N LEU A 413 -13.28 22.20 1.38
CA LEU A 413 -14.39 21.95 2.31
C LEU A 413 -14.10 22.51 3.69
N GLN A 414 -15.16 22.94 4.37
CA GLN A 414 -15.05 23.45 5.73
C GLN A 414 -14.88 22.29 6.71
N PRO A 415 -13.89 22.40 7.60
CA PRO A 415 -13.65 21.34 8.59
C PRO A 415 -14.76 21.33 9.63
N PRO A 416 -15.03 20.16 10.22
CA PRO A 416 -16.04 20.08 11.28
C PRO A 416 -15.49 20.64 12.58
N SER A 417 -16.37 21.16 13.44
CA SER A 417 -15.96 21.59 14.77
C SER A 417 -15.76 20.35 15.62
N ILE A 418 -14.76 20.38 16.49
CA ILE A 418 -14.47 19.24 17.35
C ILE A 418 -14.89 19.55 18.78
N LEU A 419 -15.83 18.77 19.31
CA LEU A 419 -16.37 19.01 20.64
C LEU A 419 -15.62 18.23 21.72
N TYR A 420 -15.10 18.97 22.70
CA TYR A 420 -14.45 18.34 23.85
C TYR A 420 -15.34 18.45 25.09
N GLY A 421 -14.87 17.94 26.21
CA GLY A 421 -15.67 17.90 27.42
C GLY A 421 -15.05 18.63 28.60
N GLY A 422 -15.12 18.00 29.77
CA GLY A 422 -14.56 18.58 30.97
C GLY A 422 -15.35 19.78 31.48
N ARG A 423 -14.63 20.73 32.08
CA ARG A 423 -15.24 21.90 32.71
C ARG A 423 -15.93 22.83 31.71
N ASN A 424 -15.23 23.15 30.63
CA ASN A 424 -15.68 24.21 29.73
C ASN A 424 -16.24 23.69 28.40
N LYS A 425 -16.29 22.37 28.25
CA LYS A 425 -16.77 21.71 27.02
C LYS A 425 -16.32 22.44 25.75
N ALA A 426 -15.02 22.72 25.66
CA ALA A 426 -14.47 23.56 24.60
C ALA A 426 -14.65 22.97 23.20
N ILE A 427 -14.76 23.85 22.23
CA ILE A 427 -14.91 23.44 20.83
C ILE A 427 -13.67 23.82 20.02
N ALA A 428 -13.00 22.82 19.47
CA ALA A 428 -11.80 23.06 18.68
C ALA A 428 -12.13 23.23 17.20
N THR A 429 -11.53 24.25 16.59
CA THR A 429 -11.68 24.48 15.16
C THR A 429 -10.38 24.12 14.45
N PRO A 430 -10.38 23.03 13.68
CA PRO A 430 -9.21 22.59 12.93
C PRO A 430 -8.72 23.67 11.96
N VAL A 431 -7.45 24.03 12.08
CA VAL A 431 -6.86 25.01 11.17
C VAL A 431 -5.76 24.34 10.36
N GLN A 432 -5.94 24.31 9.05
CA GLN A 432 -5.02 23.64 8.13
C GLN A 432 -4.84 22.17 8.51
N GLY A 433 -5.96 21.51 8.82
CA GLY A 433 -5.96 20.09 9.13
C GLY A 433 -5.41 19.74 10.50
N VAL A 434 -5.24 20.74 11.35
CA VAL A 434 -4.62 20.53 12.66
C VAL A 434 -5.33 21.31 13.76
N TRP A 435 -5.49 20.69 14.94
CA TRP A 435 -5.88 21.40 16.15
C TRP A 435 -5.09 20.85 17.33
N ASP A 436 -5.31 21.42 18.52
CA ASP A 436 -4.65 20.91 19.72
C ASP A 436 -5.59 20.87 20.93
N MET A 437 -5.07 20.42 22.06
CA MET A 437 -5.88 20.28 23.26
C MET A 437 -5.52 21.28 24.36
N ARG A 438 -4.96 22.43 23.97
CA ARG A 438 -4.66 23.47 24.95
C ARG A 438 -5.94 24.06 25.51
N ASN A 439 -6.05 24.07 26.84
CA ASN A 439 -7.27 24.49 27.53
C ASN A 439 -8.48 23.63 27.17
N LYS A 440 -8.23 22.35 26.91
CA LYS A 440 -9.30 21.44 26.52
C LYS A 440 -9.15 20.08 27.22
N GLN A 441 -10.27 19.44 27.48
CA GLN A 441 -10.29 18.15 28.16
C GLN A 441 -11.17 17.15 27.42
N PHE A 442 -10.88 15.86 27.60
CA PHE A 442 -11.59 14.79 26.89
C PHE A 442 -13.11 14.87 27.06
N HIS A 443 -13.84 14.46 26.02
CA HIS A 443 -15.30 14.43 26.05
C HIS A 443 -15.78 13.61 27.24
N THR A 444 -15.36 12.35 27.30
CA THR A 444 -15.46 11.56 28.51
C THR A 444 -14.08 11.03 28.86
N GLY A 445 -13.44 11.64 29.85
CA GLY A 445 -12.13 11.21 30.29
C GLY A 445 -12.23 10.13 31.35
N ILE A 446 -11.35 9.14 31.26
CA ILE A 446 -11.34 8.04 32.23
C ILE A 446 -10.52 8.41 33.45
N GLU A 447 -11.18 8.52 34.61
CA GLU A 447 -10.48 8.72 35.86
C GLU A 447 -9.77 7.45 36.26
N ILE A 448 -8.44 7.46 36.17
CA ILE A 448 -7.64 6.27 36.37
C ILE A 448 -7.08 6.18 37.79
N LYS A 449 -7.33 5.06 38.46
CA LYS A 449 -6.96 4.92 39.86
C LYS A 449 -6.02 3.75 40.13
N VAL A 450 -6.08 2.72 39.28
CA VAL A 450 -5.20 1.57 39.42
C VAL A 450 -4.42 1.32 38.12
N TRP A 451 -3.10 1.25 38.24
CA TRP A 451 -2.25 1.03 37.08
C TRP A 451 -0.86 0.52 37.47
N ALA A 452 -0.24 -0.23 36.56
CA ALA A 452 1.06 -0.84 36.83
C ALA A 452 2.08 -0.49 35.75
N ILE A 453 3.35 -0.48 36.14
CA ILE A 453 4.44 -0.23 35.21
C ILE A 453 5.39 -1.43 35.11
N ALA A 454 5.63 -1.88 33.88
CA ALA A 454 6.57 -2.97 33.65
C ALA A 454 7.68 -2.50 32.71
N CYS A 455 8.87 -2.27 33.27
CA CYS A 455 9.97 -1.75 32.49
C CYS A 455 10.88 -2.87 31.97
N PHE A 456 10.88 -3.06 30.66
CA PHE A 456 11.76 -4.04 30.03
C PHE A 456 13.07 -3.41 29.60
N ALA A 457 13.19 -2.11 29.82
CA ALA A 457 14.46 -1.43 29.65
C ALA A 457 15.29 -1.68 30.89
N PRO A 458 16.61 -1.88 30.71
CA PRO A 458 17.49 -2.17 31.84
C PRO A 458 17.48 -1.05 32.89
N GLN A 459 17.56 -1.43 34.16
CA GLN A 459 17.61 -0.45 35.25
C GLN A 459 18.85 0.41 35.14
N ARG A 460 19.87 -0.12 34.45
CA ARG A 460 21.11 0.59 34.23
C ARG A 460 20.90 1.86 33.40
N GLN A 461 19.92 1.83 32.51
CA GLN A 461 19.68 2.93 31.58
C GLN A 461 18.37 3.65 31.89
N CYS A 462 17.37 2.90 32.33
CA CYS A 462 16.11 3.48 32.78
C CYS A 462 16.05 3.41 34.30
N THR A 463 16.80 4.29 34.95
CA THR A 463 16.91 4.30 36.39
C THR A 463 15.62 4.79 37.06
N GLU A 464 15.52 4.55 38.37
CA GLU A 464 14.30 4.85 39.12
C GLU A 464 13.90 6.32 39.07
N VAL A 465 14.87 7.20 38.88
CA VAL A 465 14.59 8.63 38.82
C VAL A 465 13.91 9.01 37.50
N HIS A 466 14.17 8.23 36.44
CA HIS A 466 13.50 8.43 35.16
C HIS A 466 12.02 8.16 35.33
N LEU A 467 11.71 6.99 35.91
CA LEU A 467 10.34 6.55 36.11
C LEU A 467 9.55 7.55 36.95
N LYS A 468 10.16 7.96 38.07
CA LYS A 468 9.55 8.94 38.96
C LYS A 468 9.28 10.24 38.20
N SER A 469 10.26 10.68 37.43
CA SER A 469 10.11 11.88 36.61
C SER A 469 9.09 11.67 35.52
N PHE A 470 9.15 10.51 34.86
CA PHE A 470 8.22 10.17 33.80
C PHE A 470 6.77 10.12 34.31
N THR A 471 6.57 9.40 35.41
CA THR A 471 5.25 9.29 36.03
C THR A 471 4.72 10.67 36.40
N GLU A 472 5.58 11.49 37.01
CA GLU A 472 5.24 12.81 37.47
C GLU A 472 4.75 13.71 36.32
N GLN A 473 5.48 13.68 35.21
CA GLN A 473 5.12 14.48 34.04
C GLN A 473 3.85 13.95 33.38
N LEU A 474 3.75 12.63 33.31
CA LEU A 474 2.60 11.98 32.67
C LEU A 474 1.29 12.34 33.37
N ARG A 475 1.31 12.33 34.70
CA ARG A 475 0.10 12.60 35.47
C ARG A 475 -0.35 14.06 35.34
N LYS A 476 0.61 14.98 35.27
CA LYS A 476 0.30 16.39 35.11
C LYS A 476 -0.40 16.65 33.78
N ILE A 477 0.12 16.04 32.72
CA ILE A 477 -0.46 16.18 31.39
C ILE A 477 -1.85 15.54 31.34
N SER A 478 -1.96 14.35 31.92
CA SER A 478 -3.25 13.64 31.97
C SER A 478 -4.26 14.47 32.75
N ARG A 479 -3.79 15.15 33.78
CA ARG A 479 -4.62 16.03 34.60
C ARG A 479 -5.19 17.15 33.73
N ASP A 480 -4.34 17.74 32.90
CA ASP A 480 -4.76 18.80 32.00
C ASP A 480 -5.67 18.27 30.90
N ALA A 481 -5.48 17.01 30.52
CA ALA A 481 -6.19 16.43 29.38
C ALA A 481 -7.60 15.97 29.74
N GLY A 482 -7.93 16.00 31.03
CA GLY A 482 -9.24 15.57 31.47
C GLY A 482 -9.33 14.07 31.66
N MET A 483 -8.18 13.40 31.62
CA MET A 483 -8.08 11.99 31.95
C MET A 483 -7.22 11.86 33.19
N PRO A 484 -7.79 12.22 34.36
CA PRO A 484 -6.99 12.35 35.57
C PRO A 484 -6.45 11.04 36.11
N ILE A 485 -5.14 10.86 36.02
CA ILE A 485 -4.48 9.73 36.66
C ILE A 485 -4.32 10.03 38.14
N GLN A 486 -5.10 9.36 38.98
CA GLN A 486 -5.03 9.58 40.42
C GLN A 486 -4.17 8.52 41.08
N GLY A 487 -3.32 8.95 42.01
CA GLY A 487 -2.47 8.03 42.75
C GLY A 487 -1.29 7.52 41.95
N GLN A 488 -0.20 7.22 42.65
CA GLN A 488 1.00 6.65 42.04
C GLN A 488 0.69 5.26 41.50
N PRO A 489 1.58 4.70 40.66
CA PRO A 489 1.26 3.34 40.18
C PRO A 489 1.28 2.35 41.33
N CYS A 490 0.30 1.45 41.35
CA CYS A 490 0.19 0.45 42.41
C CYS A 490 1.34 -0.55 42.33
N PHE A 491 2.03 -0.56 41.20
CA PHE A 491 3.04 -1.55 40.92
C PHE A 491 4.06 -0.98 39.94
N CYS A 492 5.34 -1.23 40.19
CA CYS A 492 6.40 -0.75 39.32
C CYS A 492 7.63 -1.65 39.41
N LYS A 493 7.87 -2.41 38.35
CA LYS A 493 8.93 -3.42 38.37
C LYS A 493 9.77 -3.47 37.10
N TYR A 494 10.91 -4.17 37.19
CA TYR A 494 11.77 -4.42 36.05
C TYR A 494 11.64 -5.86 35.59
N ALA A 495 11.88 -6.09 34.31
CA ALA A 495 11.85 -7.43 33.73
C ALA A 495 12.64 -7.45 32.43
N GLN A 496 13.02 -8.64 31.98
CA GLN A 496 13.77 -8.77 30.73
C GLN A 496 13.28 -9.96 29.92
N GLY A 497 13.25 -9.80 28.59
CA GLY A 497 12.84 -10.87 27.70
C GLY A 497 11.34 -10.98 27.56
N ALA A 498 10.89 -11.35 26.36
CA ALA A 498 9.47 -11.51 26.06
C ALA A 498 8.82 -12.61 26.89
N ASP A 499 9.66 -13.46 27.47
CA ASP A 499 9.21 -14.70 28.09
C ASP A 499 8.73 -14.50 29.53
N SER A 500 8.82 -13.27 30.02
CA SER A 500 8.42 -12.99 31.40
C SER A 500 7.16 -12.12 31.46
N VAL A 501 6.51 -11.95 30.32
CA VAL A 501 5.34 -11.08 30.24
C VAL A 501 4.12 -11.70 30.90
N GLU A 502 3.71 -12.87 30.40
CA GLU A 502 2.55 -13.58 30.92
C GLU A 502 2.60 -13.83 32.43
N PRO A 503 3.68 -14.45 32.95
CA PRO A 503 3.71 -14.70 34.40
C PRO A 503 3.61 -13.40 35.20
N MET A 504 4.13 -12.32 34.63
CA MET A 504 4.00 -11.00 35.24
C MET A 504 2.57 -10.51 35.11
N PHE A 505 1.95 -10.80 33.97
CA PHE A 505 0.61 -10.30 33.67
C PHE A 505 -0.49 -11.05 34.42
N ARG A 506 -0.33 -12.37 34.54
CA ARG A 506 -1.20 -13.16 35.39
C ARG A 506 -1.11 -12.61 36.78
N HIS A 507 0.12 -12.47 37.26
CA HIS A 507 0.34 -11.96 38.59
C HIS A 507 -0.50 -10.69 38.78
N LEU A 508 -0.26 -9.68 37.94
CA LEU A 508 -0.91 -8.37 38.04
C LEU A 508 -2.44 -8.39 38.06
N LYS A 509 -3.04 -9.30 37.31
CA LYS A 509 -4.50 -9.37 37.17
C LYS A 509 -5.14 -9.91 38.45
N ASN A 510 -4.60 -11.00 38.96
CA ASN A 510 -5.08 -11.63 40.17
C ASN A 510 -4.93 -10.72 41.42
N THR A 511 -3.77 -10.07 41.55
CA THR A 511 -3.43 -9.28 42.75
C THR A 511 -4.13 -7.93 42.82
N TYR A 512 -4.02 -7.11 41.80
CA TYR A 512 -4.60 -5.76 41.88
C TYR A 512 -6.00 -5.69 41.25
N ALA A 513 -7.01 -5.59 42.13
CA ALA A 513 -8.39 -5.50 41.68
C ALA A 513 -8.68 -4.18 40.98
N GLY A 514 -9.44 -4.25 39.90
CA GLY A 514 -9.80 -3.06 39.14
C GLY A 514 -8.65 -2.51 38.33
N LEU A 515 -7.61 -3.31 38.14
CA LEU A 515 -6.44 -2.91 37.36
C LEU A 515 -6.85 -2.48 35.95
N GLN A 516 -6.54 -1.24 35.61
CA GLN A 516 -7.00 -0.65 34.35
C GLN A 516 -5.96 -0.71 33.24
N LEU A 517 -4.72 -0.32 33.55
CA LEU A 517 -3.70 -0.16 32.52
C LEU A 517 -2.32 -0.61 32.96
N VAL A 518 -1.58 -1.24 32.04
CA VAL A 518 -0.19 -1.61 32.28
C VAL A 518 0.72 -0.90 31.29
N VAL A 519 1.42 0.13 31.76
CA VAL A 519 2.37 0.85 30.91
C VAL A 519 3.68 0.07 30.81
N VAL A 520 4.01 -0.36 29.60
CA VAL A 520 5.20 -1.17 29.36
C VAL A 520 6.31 -0.36 28.67
N ILE A 521 7.52 -0.44 29.21
CA ILE A 521 8.65 0.32 28.68
C ILE A 521 9.64 -0.58 27.94
N LEU A 522 9.93 -0.21 26.70
CA LEU A 522 10.76 -1.04 25.82
C LEU A 522 11.97 -0.29 25.26
N PRO A 523 13.07 -1.03 25.01
CA PRO A 523 14.28 -0.49 24.38
C PRO A 523 14.39 -0.80 22.89
N GLY A 524 13.88 0.09 22.05
CA GLY A 524 13.97 -0.09 20.60
C GLY A 524 13.13 -1.26 20.10
N LYS A 525 13.49 -1.77 18.93
CA LYS A 525 12.79 -2.90 18.33
C LYS A 525 13.15 -4.20 19.03
N THR A 526 12.13 -5.00 19.36
CA THR A 526 12.31 -6.21 20.13
C THR A 526 11.02 -7.03 20.17
N PRO A 527 11.14 -8.37 20.18
CA PRO A 527 9.97 -9.25 20.11
C PRO A 527 9.11 -9.30 21.38
N VAL A 528 9.45 -8.53 22.41
CA VAL A 528 8.63 -8.49 23.62
C VAL A 528 7.35 -7.68 23.39
N TYR A 529 7.42 -6.70 22.49
CA TYR A 529 6.25 -5.93 22.13
C TYR A 529 5.13 -6.82 21.59
N ALA A 530 5.50 -7.79 20.77
CA ALA A 530 4.53 -8.72 20.20
C ALA A 530 3.91 -9.59 21.29
N GLU A 531 4.72 -9.94 22.29
CA GLU A 531 4.25 -10.78 23.39
C GLU A 531 3.34 -10.01 24.34
N VAL A 532 3.67 -8.74 24.57
CA VAL A 532 2.83 -7.87 25.39
C VAL A 532 1.44 -7.76 24.79
N LYS A 533 1.40 -7.52 23.48
CA LYS A 533 0.14 -7.38 22.77
C LYS A 533 -0.66 -8.67 22.75
N ARG A 534 0.03 -9.79 22.50
CA ARG A 534 -0.63 -11.10 22.50
C ARG A 534 -1.29 -11.41 23.83
N VAL A 535 -0.53 -11.30 24.91
CA VAL A 535 -1.03 -11.58 26.25
C VAL A 535 -2.11 -10.57 26.65
N GLY A 536 -1.88 -9.30 26.30
CA GLY A 536 -2.82 -8.25 26.65
C GLY A 536 -4.13 -8.30 25.88
N ASP A 537 -4.04 -8.54 24.58
CA ASP A 537 -5.23 -8.49 23.72
C ASP A 537 -6.02 -9.78 23.68
N THR A 538 -5.33 -10.92 23.67
CA THR A 538 -5.97 -12.19 23.33
C THR A 538 -6.29 -13.13 24.49
N VAL A 539 -5.37 -13.27 25.44
CA VAL A 539 -5.54 -14.29 26.48
C VAL A 539 -6.01 -13.75 27.85
N LEU A 540 -5.36 -12.71 28.36
CA LEU A 540 -5.75 -12.14 29.65
C LEU A 540 -6.76 -11.00 29.53
N GLY A 541 -6.74 -10.31 28.39
CA GLY A 541 -7.68 -9.23 28.14
C GLY A 541 -7.43 -8.00 28.98
N MET A 542 -6.18 -7.52 28.99
CA MET A 542 -5.82 -6.34 29.75
C MET A 542 -5.27 -5.23 28.86
N ALA A 543 -5.74 -4.01 29.09
CA ALA A 543 -5.29 -2.85 28.33
C ALA A 543 -3.83 -2.54 28.64
N THR A 544 -3.00 -2.45 27.60
CA THR A 544 -1.58 -2.18 27.77
C THR A 544 -1.12 -1.05 26.85
N GLN A 545 -0.23 -0.20 27.37
CA GLN A 545 0.32 0.89 26.59
C GLN A 545 1.84 0.84 26.59
N CYS A 546 2.42 0.48 25.44
CA CYS A 546 3.87 0.41 25.32
C CYS A 546 4.47 1.79 25.04
N VAL A 547 5.73 1.96 25.42
CA VAL A 547 6.43 3.23 25.23
C VAL A 547 7.94 3.02 25.22
N GLN A 548 8.61 3.65 24.26
CA GLN A 548 10.06 3.54 24.13
C GLN A 548 10.81 4.07 25.35
N MET A 549 11.99 3.52 25.58
CA MET A 549 12.83 3.90 26.72
C MET A 549 13.26 5.37 26.65
N LYS A 550 13.58 5.82 25.44
CA LYS A 550 14.05 7.20 25.23
C LYS A 550 12.95 8.23 25.51
N ASN A 551 11.70 7.84 25.29
CA ASN A 551 10.57 8.72 25.56
C ASN A 551 10.22 8.78 27.04
N VAL A 552 10.90 7.94 27.82
CA VAL A 552 10.76 7.96 29.27
C VAL A 552 11.86 8.82 29.87
N GLN A 553 13.07 8.68 29.32
CA GLN A 553 14.22 9.45 29.78
C GLN A 553 14.07 10.94 29.50
N ARG A 554 13.68 11.27 28.26
CA ARG A 554 13.48 12.66 27.87
C ARG A 554 12.03 12.86 27.43
N THR A 555 11.20 13.36 28.34
CA THR A 555 9.78 13.53 28.06
C THR A 555 9.44 14.93 27.52
N THR A 556 8.44 14.99 26.65
CA THR A 556 7.94 16.26 26.13
C THR A 556 6.43 16.31 26.32
N PRO A 557 5.87 17.52 26.53
CA PRO A 557 4.43 17.69 26.73
C PRO A 557 3.60 17.15 25.57
N GLN A 558 4.09 17.31 24.35
CA GLN A 558 3.35 16.87 23.17
C GLN A 558 3.29 15.34 23.06
N THR A 559 4.43 14.70 23.34
CA THR A 559 4.50 13.24 23.31
C THR A 559 3.59 12.61 24.35
N LEU A 560 3.65 13.14 25.58
CA LEU A 560 2.81 12.66 26.67
C LEU A 560 1.33 12.89 26.37
N SER A 561 1.03 14.02 25.73
CA SER A 561 -0.34 14.35 25.36
C SER A 561 -0.87 13.35 24.34
N ASN A 562 -0.05 13.00 23.36
CA ASN A 562 -0.43 12.00 22.36
C ASN A 562 -0.55 10.62 22.99
N LEU A 563 0.25 10.38 24.03
CA LEU A 563 0.22 9.10 24.73
C LEU A 563 -1.11 8.95 25.48
N CYS A 564 -1.60 10.06 26.01
CA CYS A 564 -2.88 10.06 26.73
C CYS A 564 -4.05 9.85 25.79
N LEU A 565 -3.89 10.24 24.54
CA LEU A 565 -4.93 10.06 23.52
C LEU A 565 -5.23 8.57 23.34
N LYS A 566 -4.17 7.77 23.22
CA LYS A 566 -4.31 6.34 23.02
C LYS A 566 -4.80 5.65 24.29
N ILE A 567 -4.32 6.14 25.44
CA ILE A 567 -4.66 5.55 26.73
C ILE A 567 -6.15 5.69 27.05
N ASN A 568 -6.69 6.89 26.89
CA ASN A 568 -8.09 7.15 27.20
C ASN A 568 -9.06 6.29 26.40
N VAL A 569 -8.80 6.15 25.10
CA VAL A 569 -9.67 5.36 24.24
C VAL A 569 -9.53 3.87 24.51
N LYS A 570 -8.36 3.46 25.00
CA LYS A 570 -8.13 2.06 25.30
C LYS A 570 -8.75 1.67 26.64
N LEU A 571 -9.17 2.68 27.40
CA LEU A 571 -9.89 2.44 28.65
C LEU A 571 -11.38 2.74 28.48
N GLY A 572 -11.81 2.88 27.23
CA GLY A 572 -13.21 3.08 26.93
C GLY A 572 -13.68 4.52 26.98
N GLY A 573 -12.73 5.45 27.01
CA GLY A 573 -13.06 6.86 27.05
C GLY A 573 -13.29 7.45 25.68
N VAL A 574 -13.89 8.64 25.64
CA VAL A 574 -14.09 9.36 24.39
C VAL A 574 -13.29 10.66 24.41
N ASN A 575 -12.24 10.71 23.59
CA ASN A 575 -11.39 11.89 23.50
C ASN A 575 -12.17 13.11 23.05
N ASN A 576 -12.90 12.95 21.96
CA ASN A 576 -13.73 14.02 21.42
C ASN A 576 -14.73 13.46 20.42
N ILE A 577 -15.70 14.27 20.04
CA ILE A 577 -16.65 13.88 19.01
C ILE A 577 -16.84 15.01 18.01
N LEU A 578 -17.35 14.68 16.83
CA LEU A 578 -17.74 15.70 15.87
C LEU A 578 -18.87 16.50 16.51
N LEU A 579 -18.88 17.81 16.28
CA LEU A 579 -19.96 18.65 16.78
C LEU A 579 -21.27 18.15 16.20
N PRO A 580 -22.16 17.62 17.07
CA PRO A 580 -23.40 16.93 16.70
C PRO A 580 -24.24 17.67 15.65
N GLN A 581 -24.51 18.94 15.87
CA GLN A 581 -25.32 19.71 14.93
C GLN A 581 -24.56 20.02 13.63
N GLY A 582 -23.24 19.89 13.69
CA GLY A 582 -22.41 20.07 12.51
C GLY A 582 -22.13 18.73 11.85
N ARG A 583 -23.20 18.03 11.48
CA ARG A 583 -23.08 16.72 10.84
C ARG A 583 -24.07 16.58 9.68
N PRO A 584 -23.70 15.80 8.66
CA PRO A 584 -24.56 15.54 7.49
C PRO A 584 -25.85 14.81 7.85
N PRO A 585 -26.89 14.95 7.00
CA PRO A 585 -28.22 14.38 7.21
C PRO A 585 -28.26 12.87 7.46
N VAL A 586 -27.16 12.17 7.20
CA VAL A 586 -27.13 10.72 7.36
C VAL A 586 -27.26 10.30 8.83
N PHE A 587 -26.93 11.21 9.75
CA PHE A 587 -26.98 10.91 11.17
C PHE A 587 -28.37 11.11 11.77
N GLN A 588 -29.37 11.35 10.92
CA GLN A 588 -30.75 11.51 11.38
C GLN A 588 -31.36 10.17 11.76
N GLN A 589 -30.82 9.10 11.18
CA GLN A 589 -31.24 7.74 11.50
C GLN A 589 -30.01 6.97 11.97
N PRO A 590 -30.22 5.86 12.72
CA PRO A 590 -29.10 5.01 13.12
C PRO A 590 -28.28 4.56 11.92
N VAL A 591 -26.96 4.63 12.04
CA VAL A 591 -26.07 4.30 10.92
C VAL A 591 -24.76 3.71 11.44
N ILE A 592 -24.29 2.64 10.78
CA ILE A 592 -23.00 2.07 11.13
C ILE A 592 -21.98 2.31 10.01
N PHE A 593 -20.77 2.69 10.40
CA PHE A 593 -19.69 2.91 9.44
C PHE A 593 -18.70 1.77 9.51
N LEU A 594 -18.40 1.19 8.35
CA LEU A 594 -17.49 0.06 8.28
C LEU A 594 -16.20 0.42 7.56
N GLY A 595 -15.09 -0.13 8.05
CA GLY A 595 -13.80 0.04 7.41
C GLY A 595 -13.18 -1.31 7.16
N ALA A 596 -12.86 -1.59 5.89
CA ALA A 596 -12.31 -2.89 5.53
C ALA A 596 -10.97 -2.79 4.81
N ASP A 597 -10.06 -3.69 5.15
CA ASP A 597 -8.74 -3.71 4.53
C ASP A 597 -8.07 -5.07 4.74
N VAL A 598 -7.38 -5.54 3.72
CA VAL A 598 -6.63 -6.79 3.82
C VAL A 598 -5.15 -6.57 3.50
N THR A 599 -4.29 -6.97 4.42
CA THR A 599 -2.85 -6.79 4.27
C THR A 599 -2.17 -8.09 3.86
N HIS A 600 -1.19 -7.98 2.98
CA HIS A 600 -0.49 -9.14 2.45
C HIS A 600 0.95 -9.17 2.96
N PRO A 601 1.50 -10.39 3.17
CA PRO A 601 2.88 -10.54 3.61
C PRO A 601 3.87 -10.32 2.47
N LYS A 608 2.62 -15.59 5.90
CA LYS A 608 2.14 -16.42 4.80
C LYS A 608 0.67 -16.14 4.43
N PRO A 609 -0.26 -16.19 5.40
CA PRO A 609 -1.63 -15.90 5.00
C PRO A 609 -1.89 -14.39 4.96
N SER A 610 -2.86 -13.98 4.15
CA SER A 610 -3.29 -12.59 4.15
C SER A 610 -4.19 -12.35 5.37
N ILE A 611 -4.33 -11.09 5.75
CA ILE A 611 -5.11 -10.74 6.93
C ILE A 611 -6.21 -9.74 6.62
N ALA A 612 -7.46 -10.20 6.70
CA ALA A 612 -8.60 -9.33 6.45
C ALA A 612 -9.12 -8.74 7.76
N ALA A 613 -9.37 -7.44 7.75
CA ALA A 613 -9.85 -6.74 8.95
C ALA A 613 -11.05 -5.85 8.62
N VAL A 614 -12.09 -5.96 9.42
CA VAL A 614 -13.29 -5.14 9.25
C VAL A 614 -13.72 -4.54 10.58
N VAL A 615 -13.71 -3.21 10.65
CA VAL A 615 -14.14 -2.51 11.86
C VAL A 615 -15.51 -1.87 11.67
N GLY A 616 -16.20 -1.61 12.78
CA GLY A 616 -17.51 -1.01 12.72
C GLY A 616 -17.78 -0.07 13.88
N SER A 617 -18.39 1.08 13.59
CA SER A 617 -18.72 2.06 14.62
C SER A 617 -19.77 1.50 15.57
N MET A 618 -19.64 1.83 16.85
CA MET A 618 -20.54 1.30 17.87
C MET A 618 -21.38 2.37 18.56
N ASP A 619 -21.28 3.60 18.08
CA ASP A 619 -22.11 4.69 18.58
C ASP A 619 -22.46 5.67 17.46
N ALA A 620 -23.21 6.72 17.82
CA ALA A 620 -23.72 7.66 16.83
C ALA A 620 -22.84 8.90 16.68
N HIS A 621 -21.72 8.94 17.39
CA HIS A 621 -20.85 10.11 17.36
C HIS A 621 -20.26 10.45 15.98
N PRO A 622 -19.60 9.50 15.30
CA PRO A 622 -19.20 8.13 15.67
C PRO A 622 -17.77 8.11 16.21
N ASN A 623 -17.56 7.38 17.31
CA ASN A 623 -16.25 7.37 17.95
C ASN A 623 -15.66 5.97 18.18
N ARG A 624 -16.35 5.17 18.99
CA ARG A 624 -15.84 3.83 19.32
C ARG A 624 -16.07 2.84 18.19
N TYR A 625 -15.08 1.99 17.93
CA TYR A 625 -15.17 0.97 16.90
C TYR A 625 -14.84 -0.41 17.44
N CYS A 626 -15.57 -1.42 16.95
CA CYS A 626 -15.24 -2.81 17.26
C CYS A 626 -14.49 -3.44 16.10
N ALA A 627 -13.60 -4.37 16.41
CA ALA A 627 -12.74 -4.96 15.39
C ALA A 627 -13.03 -6.44 15.15
N THR A 628 -13.12 -6.81 13.88
CA THR A 628 -13.16 -8.21 13.48
C THR A 628 -11.98 -8.48 12.57
N VAL A 629 -11.38 -9.66 12.70
CA VAL A 629 -10.18 -9.99 11.92
C VAL A 629 -10.16 -11.47 11.56
N ARG A 630 -9.65 -11.76 10.36
CA ARG A 630 -9.58 -13.14 9.88
C ARG A 630 -8.27 -13.38 9.14
N VAL A 631 -7.66 -14.52 9.41
CA VAL A 631 -6.59 -14.99 8.54
C VAL A 631 -7.26 -15.62 7.33
N GLN A 632 -6.71 -15.37 6.15
CA GLN A 632 -7.28 -15.95 4.93
C GLN A 632 -6.20 -16.30 3.92
N GLN A 633 -6.61 -16.63 2.71
CA GLN A 633 -5.70 -17.12 1.68
C GLN A 633 -4.60 -16.12 1.34
N HIS A 634 -3.39 -16.67 1.18
CA HIS A 634 -2.21 -15.91 0.79
C HIS A 634 -2.46 -15.05 -0.45
N ARG A 635 -2.46 -13.73 -0.26
CA ARG A 635 -2.55 -12.76 -1.35
C ARG A 635 -3.91 -12.80 -2.07
N GLN A 636 -4.96 -13.14 -1.34
CA GLN A 636 -6.32 -13.01 -1.87
C GLN A 636 -6.93 -11.70 -1.40
N GLU A 637 -7.29 -10.84 -2.34
CA GLU A 637 -7.79 -9.50 -2.01
C GLU A 637 -9.22 -9.53 -1.49
N ILE A 638 -10.02 -10.45 -2.01
CA ILE A 638 -11.41 -10.57 -1.59
C ILE A 638 -11.49 -11.05 -0.14
N ILE A 639 -12.30 -10.36 0.66
CA ILE A 639 -12.54 -10.78 2.04
C ILE A 639 -13.51 -11.95 2.05
N GLN A 640 -12.96 -13.15 2.21
CA GLN A 640 -13.73 -14.39 2.12
C GLN A 640 -14.87 -14.46 3.12
N ASP A 641 -14.56 -14.22 4.39
CA ASP A 641 -15.53 -14.40 5.46
C ASP A 641 -16.20 -13.09 5.86
N LEU A 642 -16.45 -12.22 4.88
CA LEU A 642 -17.01 -10.90 5.15
C LEU A 642 -18.39 -10.94 5.80
N ALA A 643 -19.26 -11.83 5.31
CA ALA A 643 -20.61 -11.96 5.82
C ALA A 643 -20.63 -12.21 7.33
N ALA A 644 -19.78 -13.13 7.77
CA ALA A 644 -19.68 -13.46 9.19
C ALA A 644 -19.13 -12.29 10.00
N MET A 645 -18.15 -11.59 9.45
CA MET A 645 -17.55 -10.44 10.12
C MET A 645 -18.55 -9.31 10.27
N VAL A 646 -19.31 -9.05 9.21
CA VAL A 646 -20.32 -8.01 9.23
C VAL A 646 -21.44 -8.35 10.21
N ARG A 647 -21.81 -9.63 10.26
CA ARG A 647 -22.84 -10.08 11.19
C ARG A 647 -22.45 -9.80 12.64
N GLU A 648 -21.21 -10.12 12.99
CA GLU A 648 -20.70 -9.86 14.34
C GLU A 648 -20.82 -8.38 14.71
N LEU A 649 -20.42 -7.53 13.77
CA LEU A 649 -20.42 -6.08 14.01
C LEU A 649 -21.85 -5.54 14.17
N LEU A 650 -22.76 -6.04 13.35
CA LEU A 650 -24.16 -5.64 13.43
C LEU A 650 -24.76 -6.04 14.78
N ILE A 651 -24.37 -7.22 15.26
CA ILE A 651 -24.80 -7.68 16.58
C ILE A 651 -24.29 -6.75 17.67
N GLN A 652 -22.99 -6.44 17.60
CA GLN A 652 -22.35 -5.57 18.59
C GLN A 652 -22.93 -4.16 18.58
N PHE A 653 -23.28 -3.67 17.38
CA PHE A 653 -23.89 -2.36 17.23
C PHE A 653 -25.21 -2.33 17.97
N TYR A 654 -26.00 -3.38 17.80
CA TYR A 654 -27.32 -3.47 18.41
C TYR A 654 -27.22 -3.58 19.93
N LYS A 655 -26.20 -4.27 20.42
CA LYS A 655 -26.04 -4.46 21.86
C LYS A 655 -25.55 -3.19 22.55
N SER A 656 -24.99 -2.27 21.76
CA SER A 656 -24.44 -1.03 22.30
C SER A 656 -25.40 0.14 22.17
N THR A 657 -26.27 0.11 21.17
CA THR A 657 -27.14 1.22 20.87
C THR A 657 -28.62 0.86 20.88
N ARG A 658 -28.91 -0.42 21.09
CA ARG A 658 -30.26 -0.99 20.95
C ARG A 658 -30.99 -0.57 19.67
N PHE A 659 -30.21 -0.17 18.67
CA PHE A 659 -30.75 0.18 17.36
C PHE A 659 -30.18 -0.76 16.31
N LYS A 660 -30.95 -0.99 15.25
CA LYS A 660 -30.41 -1.63 14.05
C LYS A 660 -30.18 -0.51 13.04
N PRO A 661 -28.97 -0.44 12.49
CA PRO A 661 -28.67 0.64 11.52
C PRO A 661 -29.54 0.54 10.29
N THR A 662 -30.05 1.69 9.83
CA THR A 662 -30.86 1.73 8.62
C THR A 662 -29.95 1.94 7.42
N ARG A 663 -28.69 2.25 7.69
CA ARG A 663 -27.71 2.46 6.63
C ARG A 663 -26.36 1.85 7.00
N ILE A 664 -25.71 1.24 6.01
CA ILE A 664 -24.38 0.70 6.20
C ILE A 664 -23.41 1.37 5.23
N ILE A 665 -22.54 2.21 5.77
CA ILE A 665 -21.54 2.90 4.95
C ILE A 665 -20.22 2.14 4.99
N PHE A 666 -19.81 1.62 3.84
CA PHE A 666 -18.70 0.68 3.77
C PHE A 666 -17.49 1.27 3.05
N TYR A 667 -16.46 1.61 3.81
CA TYR A 667 -15.22 2.12 3.23
C TYR A 667 -14.21 0.99 3.03
N ARG A 668 -13.93 0.67 1.78
CA ARG A 668 -13.05 -0.45 1.43
C ARG A 668 -11.72 0.04 0.88
N ASP A 669 -10.64 -0.27 1.60
CA ASP A 669 -9.31 0.18 1.20
C ASP A 669 -8.54 -0.93 0.48
N GLY A 670 -7.56 -0.53 -0.32
CA GLY A 670 -6.64 -1.47 -0.95
C GLY A 670 -7.20 -2.26 -2.12
N VAL A 671 -8.01 -1.60 -2.95
CA VAL A 671 -8.57 -2.26 -4.13
C VAL A 671 -8.29 -1.45 -5.40
N SER A 672 -7.81 -2.13 -6.43
CA SER A 672 -7.54 -1.47 -7.71
C SER A 672 -8.75 -1.50 -8.63
N GLU A 673 -8.73 -0.64 -9.65
CA GLU A 673 -9.85 -0.52 -10.58
C GLU A 673 -10.15 -1.81 -11.33
N GLY A 674 -9.10 -2.60 -11.58
CA GLY A 674 -9.24 -3.85 -12.31
C GLY A 674 -9.93 -4.94 -11.50
N GLN A 675 -10.17 -4.67 -10.22
CA GLN A 675 -10.79 -5.63 -9.34
C GLN A 675 -12.19 -5.20 -8.92
N PHE A 676 -12.58 -3.98 -9.30
CA PHE A 676 -13.83 -3.36 -8.84
C PHE A 676 -15.08 -4.22 -8.96
N GLN A 677 -15.15 -5.06 -9.98
CA GLN A 677 -16.34 -5.87 -10.21
C GLN A 677 -16.34 -7.17 -9.40
N GLN A 678 -15.16 -7.67 -9.06
CA GLN A 678 -15.05 -8.90 -8.30
C GLN A 678 -15.37 -8.70 -6.82
N VAL A 679 -14.67 -7.76 -6.19
CA VAL A 679 -14.91 -7.45 -4.79
C VAL A 679 -16.35 -6.97 -4.57
N LEU A 680 -16.83 -6.11 -5.47
CA LEU A 680 -18.21 -5.64 -5.39
C LEU A 680 -19.19 -6.82 -5.46
N HIS A 681 -18.90 -7.79 -6.32
CA HIS A 681 -19.79 -8.93 -6.49
C HIS A 681 -19.85 -9.79 -5.23
N HIS A 682 -18.68 -10.20 -4.72
CA HIS A 682 -18.64 -11.05 -3.54
C HIS A 682 -18.96 -10.29 -2.25
N GLU A 683 -18.42 -9.09 -2.12
CA GLU A 683 -18.52 -8.37 -0.85
C GLU A 683 -19.85 -7.64 -0.62
N LEU A 684 -20.46 -7.10 -1.69
CA LEU A 684 -21.77 -6.48 -1.55
C LEU A 684 -22.81 -7.53 -1.23
N LEU A 685 -22.72 -8.68 -1.90
CA LEU A 685 -23.61 -9.80 -1.63
C LEU A 685 -23.39 -10.31 -0.20
N ALA A 686 -22.13 -10.36 0.23
CA ALA A 686 -21.79 -10.85 1.56
C ALA A 686 -22.37 -9.97 2.67
N ILE A 687 -22.19 -8.65 2.54
CA ILE A 687 -22.81 -7.68 3.43
C ILE A 687 -24.34 -7.88 3.47
N ARG A 688 -24.92 -8.06 2.29
CA ARG A 688 -26.36 -8.24 2.16
C ARG A 688 -26.79 -9.59 2.75
N GLU A 689 -25.93 -10.60 2.63
CA GLU A 689 -26.19 -11.90 3.20
C GLU A 689 -26.22 -11.80 4.73
N ALA A 690 -25.36 -10.95 5.28
CA ALA A 690 -25.25 -10.76 6.71
C ALA A 690 -26.55 -10.19 7.31
N CYS A 691 -27.14 -9.22 6.62
CA CYS A 691 -28.38 -8.61 7.08
C CYS A 691 -29.57 -9.58 7.02
N ILE A 692 -29.66 -10.34 5.94
CA ILE A 692 -30.73 -11.30 5.74
C ILE A 692 -30.64 -12.43 6.78
N LYS A 693 -29.42 -12.91 7.00
CA LYS A 693 -29.17 -13.96 7.98
C LYS A 693 -29.47 -13.48 9.40
N LEU A 694 -29.41 -12.17 9.60
CA LEU A 694 -29.70 -11.55 10.88
C LEU A 694 -31.19 -11.62 11.18
N GLU A 695 -31.96 -11.36 10.14
CA GLU A 695 -33.39 -11.13 10.26
C GLU A 695 -33.94 -11.06 8.84
N LYS A 696 -35.05 -11.73 8.57
CA LYS A 696 -35.56 -11.91 7.21
C LYS A 696 -35.82 -10.60 6.44
N ASP A 697 -36.51 -9.66 7.09
CA ASP A 697 -36.89 -8.43 6.42
C ASP A 697 -35.99 -7.24 6.77
N TYR A 698 -34.79 -7.53 7.27
CA TYR A 698 -33.82 -6.48 7.56
C TYR A 698 -33.07 -6.07 6.30
N GLN A 699 -33.34 -4.86 5.82
CA GLN A 699 -32.79 -4.39 4.56
C GLN A 699 -32.29 -2.95 4.64
N PRO A 700 -31.17 -2.73 5.34
CA PRO A 700 -30.62 -1.37 5.41
C PRO A 700 -29.95 -0.97 4.10
N GLY A 701 -29.94 0.32 3.78
CA GLY A 701 -29.29 0.80 2.58
C GLY A 701 -27.79 0.69 2.69
N ILE A 702 -27.15 0.18 1.64
CA ILE A 702 -25.71 0.00 1.64
C ILE A 702 -25.02 0.99 0.70
N THR A 703 -23.98 1.65 1.20
CA THR A 703 -23.12 2.48 0.37
C THR A 703 -21.72 1.88 0.36
N PHE A 704 -21.28 1.44 -0.82
CA PHE A 704 -19.99 0.78 -0.96
C PHE A 704 -18.99 1.74 -1.59
N ILE A 705 -17.98 2.13 -0.80
CA ILE A 705 -16.98 3.09 -1.27
C ILE A 705 -15.57 2.50 -1.19
N VAL A 706 -14.85 2.53 -2.31
CA VAL A 706 -13.45 2.12 -2.33
C VAL A 706 -12.53 3.33 -2.19
N VAL A 707 -11.64 3.27 -1.20
CA VAL A 707 -10.69 4.34 -0.98
C VAL A 707 -9.29 3.95 -1.47
N GLN A 708 -8.66 4.82 -2.23
CA GLN A 708 -7.37 4.54 -2.84
C GLN A 708 -6.33 5.62 -2.56
N LYS A 709 -5.23 5.23 -1.94
CA LYS A 709 -4.09 6.12 -1.74
C LYS A 709 -3.01 5.83 -2.76
N ARG A 710 -2.97 4.59 -3.26
CA ARG A 710 -1.93 4.16 -4.17
C ARG A 710 -2.30 4.41 -5.63
N HIS A 711 -2.20 5.68 -6.03
CA HIS A 711 -2.40 6.09 -7.41
C HIS A 711 -1.39 7.19 -7.70
N HIS A 712 -1.44 7.77 -8.90
CA HIS A 712 -0.43 8.75 -9.29
C HIS A 712 -0.97 10.11 -9.72
N THR A 713 -2.11 10.51 -9.17
CA THR A 713 -2.62 11.84 -9.46
C THR A 713 -2.20 12.81 -8.37
N ARG A 714 -1.61 13.93 -8.78
CA ARG A 714 -1.13 14.93 -7.85
C ARG A 714 -1.80 16.27 -8.16
N LEU A 715 -2.16 17.00 -7.11
CA LEU A 715 -2.79 18.29 -7.28
C LEU A 715 -1.88 19.39 -6.74
N PHE A 716 -1.69 20.44 -7.54
CA PHE A 716 -0.81 21.53 -7.17
C PHE A 716 -1.55 22.86 -7.17
N CYS A 717 -1.23 23.72 -6.22
CA CYS A 717 -1.82 25.05 -6.17
C CYS A 717 -1.35 25.90 -7.36
N THR A 718 -2.30 26.52 -8.05
CA THR A 718 -1.97 27.44 -9.13
C THR A 718 -1.48 28.76 -8.55
N ASP A 719 -2.18 29.23 -7.53
CA ASP A 719 -1.77 30.44 -6.82
C ASP A 719 -0.83 30.08 -5.68
N LYS A 720 0.31 30.77 -5.62
CA LYS A 720 1.31 30.51 -4.58
C LYS A 720 0.80 30.83 -3.19
N ASN A 721 -0.14 31.76 -3.09
CA ASN A 721 -0.72 32.16 -1.82
C ASN A 721 -1.54 31.05 -1.15
N GLU A 722 -1.89 30.03 -1.93
CA GLU A 722 -2.68 28.92 -1.41
C GLU A 722 -1.82 27.76 -0.91
N ARG A 723 -0.53 27.84 -1.18
CA ARG A 723 0.41 26.81 -0.74
C ARG A 723 0.53 26.79 0.78
N VAL A 724 0.52 25.60 1.36
CA VAL A 724 0.58 25.45 2.81
C VAL A 724 1.91 24.86 3.28
N GLY A 725 2.55 25.55 4.22
CA GLY A 725 3.78 25.05 4.84
C GLY A 725 4.97 25.01 3.91
N LYS A 726 6.07 24.45 4.41
CA LYS A 726 7.31 24.36 3.66
C LYS A 726 7.18 23.46 2.43
N SER A 727 6.36 22.42 2.54
CA SER A 727 6.17 21.48 1.44
C SER A 727 5.30 22.07 0.34
N GLY A 728 4.63 23.18 0.65
CA GLY A 728 3.84 23.91 -0.32
C GLY A 728 2.69 23.12 -0.94
N ASN A 729 2.05 22.27 -0.14
CA ASN A 729 0.94 21.45 -0.63
C ASN A 729 -0.40 22.15 -0.59
N ILE A 730 -1.38 21.55 -1.26
CA ILE A 730 -2.77 21.99 -1.19
C ILE A 730 -3.25 21.88 0.25
N PRO A 731 -4.17 22.77 0.66
CA PRO A 731 -4.65 22.74 2.05
C PRO A 731 -5.46 21.49 2.37
N ALA A 732 -5.64 21.21 3.66
CA ALA A 732 -6.46 20.09 4.07
C ALA A 732 -7.91 20.34 3.69
N GLY A 733 -8.49 19.43 2.93
CA GLY A 733 -9.90 19.50 2.60
C GLY A 733 -10.25 19.86 1.17
N THR A 734 -9.25 20.08 0.31
CA THR A 734 -9.57 20.37 -1.08
C THR A 734 -10.16 19.14 -1.77
N THR A 735 -11.29 19.34 -2.45
CA THR A 735 -12.00 18.26 -3.10
C THR A 735 -12.07 18.50 -4.61
N VAL A 736 -11.86 17.45 -5.40
CA VAL A 736 -11.97 17.54 -6.85
C VAL A 736 -12.87 16.43 -7.41
N ASP A 737 -13.83 16.79 -8.25
CA ASP A 737 -14.70 15.80 -8.86
C ASP A 737 -15.15 16.20 -10.27
N THR A 738 -14.41 17.06 -10.94
CA THR A 738 -14.89 17.65 -12.19
C THR A 738 -14.12 17.29 -13.48
N LYS A 739 -12.80 17.45 -13.49
CA LYS A 739 -12.06 17.36 -14.75
C LYS A 739 -11.18 16.14 -14.99
N ILE A 740 -10.79 15.46 -13.92
CA ILE A 740 -9.90 14.31 -14.02
C ILE A 740 -10.57 13.06 -13.48
N THR A 741 -11.85 13.19 -13.11
CA THR A 741 -12.63 12.10 -12.55
C THR A 741 -13.35 11.30 -13.61
N HIS A 742 -14.09 10.28 -13.19
CA HIS A 742 -14.78 9.37 -14.11
C HIS A 742 -15.84 10.10 -14.93
N PRO A 743 -15.90 9.81 -16.23
CA PRO A 743 -16.86 10.45 -17.14
C PRO A 743 -18.33 10.24 -16.75
N THR A 744 -18.65 9.09 -16.16
CA THR A 744 -20.05 8.79 -15.83
C THR A 744 -20.29 8.43 -14.37
N GLU A 745 -19.31 7.76 -13.75
CA GLU A 745 -19.52 7.20 -12.41
C GLU A 745 -19.28 8.19 -11.25
N PHE A 746 -19.54 7.70 -10.05
CA PHE A 746 -19.52 8.52 -8.84
C PHE A 746 -18.15 8.40 -8.14
N ASP A 747 -17.24 9.32 -8.45
CA ASP A 747 -15.93 9.32 -7.83
C ASP A 747 -15.39 10.73 -7.59
N PHE A 748 -14.52 10.86 -6.60
CA PHE A 748 -13.91 12.16 -6.29
C PHE A 748 -12.60 12.01 -5.53
N TYR A 749 -11.74 13.03 -5.66
CA TYR A 749 -10.52 13.10 -4.87
C TYR A 749 -10.76 14.00 -3.67
N LEU A 750 -10.22 13.60 -2.52
CA LEU A 750 -10.29 14.43 -1.32
C LEU A 750 -8.99 14.36 -0.55
N CYS A 751 -8.23 15.45 -0.57
CA CYS A 751 -7.04 15.55 0.25
C CYS A 751 -7.44 16.10 1.62
N SER A 752 -7.71 15.19 2.55
CA SER A 752 -8.27 15.56 3.84
C SER A 752 -7.19 15.92 4.86
N HIS A 753 -5.94 15.67 4.51
CA HIS A 753 -4.84 15.85 5.46
C HIS A 753 -3.92 17.01 5.08
N ALA A 754 -3.22 17.54 6.08
CA ALA A 754 -2.23 18.58 5.85
C ALA A 754 -0.93 17.94 5.40
N GLY A 755 -0.37 18.46 4.31
CA GLY A 755 0.90 17.97 3.80
C GLY A 755 2.05 18.43 4.68
N ILE A 756 2.66 17.49 5.39
CA ILE A 756 3.78 17.81 6.27
C ILE A 756 5.10 17.81 5.50
N GLN A 757 5.32 16.77 4.71
CA GLN A 757 6.52 16.66 3.91
C GLN A 757 6.22 16.06 2.54
N GLY A 758 7.12 16.26 1.59
CA GLY A 758 6.94 15.75 0.25
C GLY A 758 5.70 16.30 -0.42
N THR A 759 5.15 15.54 -1.37
CA THR A 759 3.92 15.94 -2.04
C THR A 759 2.76 15.09 -1.54
N SER A 760 1.67 15.74 -1.16
CA SER A 760 0.50 15.06 -0.63
C SER A 760 -0.13 14.11 -1.64
N ARG A 761 -0.67 13.00 -1.13
CA ARG A 761 -1.45 12.08 -1.94
C ARG A 761 -2.92 12.31 -1.65
N PRO A 762 -3.64 12.91 -2.62
CA PRO A 762 -5.09 13.07 -2.44
C PRO A 762 -5.78 11.73 -2.53
N SER A 763 -6.44 11.30 -1.45
CA SER A 763 -7.15 10.02 -1.47
C SER A 763 -8.27 10.04 -2.50
N HIS A 764 -8.43 8.93 -3.21
CA HIS A 764 -9.49 8.81 -4.21
C HIS A 764 -10.61 7.93 -3.67
N TYR A 765 -11.85 8.34 -3.91
CA TYR A 765 -13.01 7.59 -3.43
C TYR A 765 -13.94 7.28 -4.59
N HIS A 766 -14.23 6.00 -4.78
CA HIS A 766 -15.10 5.57 -5.87
C HIS A 766 -16.30 4.79 -5.33
N VAL A 767 -17.49 5.34 -5.52
CA VAL A 767 -18.71 4.71 -5.04
C VAL A 767 -19.15 3.59 -5.97
N LEU A 768 -18.98 2.35 -5.52
CA LEU A 768 -19.36 1.19 -6.32
C LEU A 768 -20.84 0.88 -6.20
N TRP A 769 -21.46 1.32 -5.11
CA TRP A 769 -22.87 1.07 -4.87
C TRP A 769 -23.42 2.05 -3.86
N ASP A 770 -24.69 2.45 -4.03
CA ASP A 770 -25.30 3.43 -3.14
C ASP A 770 -26.83 3.34 -3.13
N ASP A 771 -27.37 2.59 -2.18
CA ASP A 771 -28.82 2.53 -2.00
C ASP A 771 -29.34 3.81 -1.38
N ASN A 772 -28.44 4.52 -0.70
CA ASN A 772 -28.82 5.66 0.14
C ASN A 772 -28.92 6.99 -0.61
N ARG A 773 -28.62 6.96 -1.90
CA ARG A 773 -28.77 8.13 -2.77
C ARG A 773 -28.06 9.38 -2.26
N PHE A 774 -26.80 9.24 -1.89
CA PHE A 774 -25.99 10.37 -1.47
C PHE A 774 -25.84 11.38 -2.59
N SER A 775 -25.90 12.67 -2.26
CA SER A 775 -25.50 13.70 -3.20
C SER A 775 -23.98 13.78 -3.12
N SER A 776 -23.36 14.48 -4.06
CA SER A 776 -21.91 14.61 -4.08
C SER A 776 -21.41 15.33 -2.83
N ASP A 777 -22.05 16.44 -2.50
CA ASP A 777 -21.63 17.25 -1.35
C ASP A 777 -21.70 16.50 -0.03
N GLU A 778 -22.83 15.87 0.26
CA GLU A 778 -23.00 15.21 1.56
C GLU A 778 -22.00 14.09 1.77
N LEU A 779 -21.79 13.27 0.74
CA LEU A 779 -20.82 12.19 0.85
C LEU A 779 -19.42 12.74 1.06
N GLN A 780 -19.02 13.69 0.21
CA GLN A 780 -17.71 14.32 0.33
C GLN A 780 -17.49 14.95 1.71
N ILE A 781 -18.51 15.62 2.21
CA ILE A 781 -18.45 16.21 3.55
C ILE A 781 -18.37 15.11 4.61
N LEU A 782 -19.12 14.03 4.38
CA LEU A 782 -19.14 12.90 5.31
C LEU A 782 -17.76 12.26 5.49
N THR A 783 -17.11 11.90 4.39
CA THR A 783 -15.79 11.26 4.48
C THR A 783 -14.77 12.21 5.07
N TYR A 784 -14.91 13.49 4.78
CA TYR A 784 -13.99 14.50 5.31
C TYR A 784 -14.12 14.60 6.83
N GLN A 785 -15.35 14.59 7.32
CA GLN A 785 -15.59 14.65 8.76
C GLN A 785 -15.11 13.38 9.44
N LEU A 786 -15.28 12.24 8.78
CA LEU A 786 -14.82 10.96 9.32
C LEU A 786 -13.30 10.92 9.46
N CYS A 787 -12.61 11.73 8.65
CA CYS A 787 -11.16 11.85 8.74
C CYS A 787 -10.74 12.64 9.99
N HIS A 788 -11.71 13.24 10.66
CA HIS A 788 -11.44 14.03 11.86
C HIS A 788 -11.74 13.26 13.14
N THR A 789 -12.10 11.99 13.00
CA THR A 789 -12.48 11.18 14.16
C THR A 789 -11.41 10.18 14.56
N TYR A 790 -10.24 10.29 13.94
CA TYR A 790 -9.11 9.42 14.25
C TYR A 790 -8.54 9.81 15.62
N VAL A 791 -8.52 8.86 16.55
CA VAL A 791 -8.26 9.15 17.95
C VAL A 791 -6.78 9.28 18.32
N ARG A 792 -5.89 8.79 17.46
CA ARG A 792 -4.47 8.76 17.79
C ARG A 792 -3.77 10.12 17.63
N CYS A 793 -4.49 11.10 17.08
CA CYS A 793 -3.91 12.43 16.89
C CYS A 793 -4.99 13.49 16.70
N THR A 794 -4.68 14.72 17.11
CA THR A 794 -5.58 15.84 16.90
C THR A 794 -5.32 16.44 15.52
N ARG A 795 -5.46 15.60 14.49
CA ARG A 795 -5.25 15.99 13.11
C ARG A 795 -6.29 15.31 12.23
N SER A 796 -6.62 15.94 11.12
CA SER A 796 -7.40 15.27 10.08
C SER A 796 -6.45 14.34 9.34
N VAL A 797 -6.85 13.07 9.21
CA VAL A 797 -5.98 12.08 8.57
C VAL A 797 -6.35 11.85 7.10
N SER A 798 -5.48 11.15 6.39
CA SER A 798 -5.57 11.02 4.93
C SER A 798 -6.72 10.15 4.44
N ILE A 799 -7.21 9.28 5.32
CA ILE A 799 -8.36 8.43 5.00
C ILE A 799 -9.30 8.41 6.20
N PRO A 800 -10.60 8.10 5.99
CA PRO A 800 -11.53 8.05 7.12
C PRO A 800 -11.07 7.08 8.20
N ALA A 801 -11.32 7.43 9.46
CA ALA A 801 -10.93 6.61 10.61
C ALA A 801 -11.25 5.10 10.51
N PRO A 802 -12.47 4.73 10.05
CA PRO A 802 -12.75 3.29 9.91
C PRO A 802 -11.76 2.57 9.03
N ALA A 803 -11.42 3.15 7.88
CA ALA A 803 -10.45 2.55 6.96
C ALA A 803 -9.09 2.45 7.62
N TYR A 804 -8.72 3.50 8.36
CA TYR A 804 -7.42 3.55 9.04
C TYR A 804 -7.36 2.52 10.16
N TYR A 805 -8.44 2.39 10.92
CA TYR A 805 -8.52 1.43 12.01
C TYR A 805 -8.35 0.00 11.49
N ALA A 806 -8.97 -0.30 10.36
CA ALA A 806 -8.88 -1.63 9.75
C ALA A 806 -7.43 -2.00 9.45
N HIS A 807 -6.66 -1.00 9.03
CA HIS A 807 -5.24 -1.21 8.77
C HIS A 807 -4.48 -1.52 10.06
N LEU A 808 -4.81 -0.80 11.13
CA LEU A 808 -4.18 -1.01 12.43
C LEU A 808 -4.52 -2.39 12.98
N VAL A 809 -5.77 -2.81 12.80
CA VAL A 809 -6.23 -4.10 13.27
C VAL A 809 -5.47 -5.24 12.60
N ALA A 810 -5.35 -5.16 11.28
CA ALA A 810 -4.62 -6.17 10.51
C ALA A 810 -3.14 -6.16 10.87
N PHE A 811 -2.60 -4.98 11.13
CA PHE A 811 -1.19 -4.84 11.49
C PHE A 811 -0.94 -5.41 12.88
N ARG A 812 -1.93 -5.28 13.76
CA ARG A 812 -1.85 -5.84 15.10
C ARG A 812 -1.99 -7.35 15.07
N ALA A 813 -2.82 -7.83 14.15
CA ALA A 813 -3.02 -9.26 13.95
C ALA A 813 -1.71 -9.91 13.54
N ARG A 814 -0.87 -9.15 12.86
CA ARG A 814 0.45 -9.61 12.44
C ARG A 814 1.33 -9.92 13.64
N TYR A 815 1.32 -9.01 14.62
CA TYR A 815 2.09 -9.21 15.86
C TYR A 815 1.48 -10.31 16.72
N HIS A 816 0.17 -10.55 16.55
CA HIS A 816 -0.50 -11.65 17.24
C HIS A 816 -0.08 -13.00 16.67
N LEU A 817 0.76 -12.96 15.63
CA LEU A 817 1.25 -14.15 14.95
C LEU A 817 0.12 -14.97 14.35
N HIS A 839 -4.00 -24.09 10.35
CA HIS A 839 -4.90 -22.99 10.00
C HIS A 839 -5.96 -22.81 11.07
N GLN A 840 -6.27 -23.89 11.78
CA GLN A 840 -7.12 -23.82 12.96
C GLN A 840 -6.41 -22.95 13.99
N ALA A 841 -5.08 -23.02 13.97
CA ALA A 841 -4.22 -22.31 14.91
C ALA A 841 -4.07 -20.84 14.55
N LEU A 842 -3.98 -20.57 13.25
CA LEU A 842 -3.80 -19.20 12.78
C LEU A 842 -5.01 -18.35 13.10
N ALA A 843 -6.19 -18.93 12.91
CA ALA A 843 -7.44 -18.22 13.20
C ALA A 843 -7.68 -18.09 14.70
N LYS A 844 -6.96 -18.87 15.50
CA LYS A 844 -7.14 -18.82 16.95
C LYS A 844 -6.08 -17.94 17.62
N ALA A 845 -4.91 -17.84 16.99
CA ALA A 845 -3.85 -16.97 17.50
C ALA A 845 -4.11 -15.53 17.06
N VAL A 846 -5.25 -15.32 16.42
CA VAL A 846 -5.64 -14.00 15.95
C VAL A 846 -6.93 -13.55 16.64
N GLN A 847 -7.63 -14.51 17.23
CA GLN A 847 -8.86 -14.22 17.96
C GLN A 847 -8.57 -13.43 19.24
N VAL A 848 -9.49 -12.56 19.61
CA VAL A 848 -9.26 -11.58 20.67
C VAL A 848 -10.14 -11.84 21.91
N HIS A 849 -9.60 -11.51 23.09
CA HIS A 849 -10.29 -11.70 24.36
C HIS A 849 -11.65 -11.00 24.40
N GLN A 850 -12.54 -11.52 25.25
CA GLN A 850 -13.92 -11.05 25.33
C GLN A 850 -14.04 -9.58 25.77
N ASP A 851 -13.33 -9.20 26.83
CA ASP A 851 -13.40 -7.84 27.36
C ASP A 851 -12.73 -6.83 26.45
N THR A 852 -11.66 -7.27 25.81
CA THR A 852 -10.88 -6.40 24.93
C THR A 852 -11.71 -5.97 23.73
N LEU A 853 -12.53 -6.90 23.25
CA LEU A 853 -13.38 -6.66 22.09
C LEU A 853 -14.35 -5.50 22.33
N ARG A 854 -14.59 -5.18 23.59
CA ARG A 854 -15.49 -4.08 23.96
C ARG A 854 -14.91 -2.70 23.69
N THR A 855 -13.68 -2.64 23.18
CA THR A 855 -13.01 -1.36 22.99
C THR A 855 -11.93 -1.37 21.92
N MET A 856 -11.33 -0.20 21.68
CA MET A 856 -10.34 -0.03 20.63
C MET A 856 -8.92 -0.30 21.14
N TYR A 857 -8.58 -1.57 21.27
CA TYR A 857 -7.27 -2.01 21.74
C TYR A 857 -6.18 -1.68 20.72
N PHE A 858 -6.57 -1.60 19.46
CA PHE A 858 -5.63 -1.45 18.35
C PHE A 858 -5.11 -0.02 18.21
N ALA A 859 -5.63 0.90 19.02
CA ALA A 859 -5.21 2.29 18.96
C ALA A 859 -3.76 2.46 19.41
#